data_5VMR
#
_entry.id   5VMR
#
_cell.length_a   38.698
_cell.length_b   246.477
_cell.length_c   64.364
_cell.angle_alpha   90.00
_cell.angle_beta   102.90
_cell.angle_gamma   90.00
#
_symmetry.space_group_name_H-M   'P 1 21 1'
#
loop_
_entity.id
_entity.type
_entity.pdbx_description
1 polymer 'Botulinum neurotoxin type B'
2 polymer Bot.2110.4
3 water water
#
loop_
_entity_poly.entity_id
_entity_poly.type
_entity_poly.pdbx_seq_one_letter_code
_entity_poly.pdbx_strand_id
1 'polypeptide(L)'
;GPLGSEILNNIILNLRYKDNNLIDLSGYGAKVEVYDGVELNDKNQFKLTSSANSKIRVTQNQNIIFNSVFLDFSVSFWIR
IPKYKNDGIQNYIHNEYTIINCMKNNSGWKISIRGNRIIWTLIDINGKTKSVFFEYNIREDISEYINRWFFVTITNNLNN
AKIYINGKLESNTDIKDIREVIANGEIIFKLDGDIDRTQFIWMKYFSIFNTELSQSNIEERYKIQSYSEYLKDFWGNPLM
YNKEYYMFNAGNKNSYIKLKKDSPVGEILTRSKYNQNSKYINYRDLYIGEKFIIRRKSNSQSINDDIVRKEDYIYLDFFN
LNQEWRVYTYKYFKKEEEKLFLAPISDSDEFYNTIQIKEYDEQPTYSCQLLFKKDEESTDEIGLIGIHRFYESGIVFEEY
KDYFCISKWYLKEVKRKPYNLKLGCNWQFIPKDEGWTE
;
A,B
2 'polypeptide(L)' PDMFCALKIKFFLEIGDEDAARKAAKKCGYSEEQAERIIKKNL C,D
#
# COMPACT_ATOMS: atom_id res chain seq x y z
N LEU A 8 4.04 -13.10 -2.04
CA LEU A 8 3.79 -11.73 -1.64
C LEU A 8 2.38 -11.56 -1.05
N ASN A 9 1.36 -11.73 -1.88
CA ASN A 9 -0.03 -11.65 -1.44
C ASN A 9 -0.39 -12.98 -0.77
N ASN A 10 0.08 -13.16 0.47
CA ASN A 10 -0.03 -14.43 1.17
C ASN A 10 -0.90 -14.43 2.43
N ILE A 11 -1.44 -13.27 2.78
CA ILE A 11 -2.29 -13.13 3.97
C ILE A 11 -3.71 -13.49 3.65
N ILE A 12 -4.30 -14.46 4.35
CA ILE A 12 -5.68 -14.77 4.01
C ILE A 12 -6.66 -14.38 5.12
N LEU A 13 -6.18 -14.27 6.35
CA LEU A 13 -6.95 -13.61 7.42
C LEU A 13 -6.04 -12.67 8.18
N ASN A 14 -6.48 -11.44 8.35
CA ASN A 14 -5.70 -10.45 9.08
C ASN A 14 -6.60 -9.74 10.08
N LEU A 15 -6.81 -10.39 11.22
CA LEU A 15 -7.71 -9.86 12.25
C LEU A 15 -7.07 -8.71 12.99
N ARG A 16 -7.63 -7.52 12.82
CA ARG A 16 -7.07 -6.37 13.49
C ARG A 16 -8.12 -5.48 14.12
N TYR A 17 -7.68 -4.69 15.10
CA TYR A 17 -8.57 -3.74 15.79
C TYR A 17 -8.93 -2.52 14.95
N LYS A 18 -10.19 -2.13 15.01
CA LYS A 18 -10.62 -0.83 14.50
C LYS A 18 -11.93 -0.40 15.17
N ASP A 19 -11.94 0.79 15.75
CA ASP A 19 -13.16 1.38 16.30
C ASP A 19 -13.90 0.42 17.24
N ASN A 20 -13.24 0.05 18.34
CA ASN A 20 -13.76 -0.90 19.34
C ASN A 20 -14.34 -2.19 18.77
N ASN A 21 -13.67 -2.72 17.75
CA ASN A 21 -14.10 -3.94 17.11
C ASN A 21 -12.88 -4.61 16.48
N LEU A 22 -13.04 -5.85 16.06
CA LEU A 22 -12.04 -6.55 15.25
C LEU A 22 -12.62 -6.77 13.88
N ILE A 23 -11.83 -6.50 12.85
CA ILE A 23 -12.23 -6.74 11.47
C ILE A 23 -11.15 -7.53 10.71
N ASP A 24 -11.52 -8.12 9.57
CA ASP A 24 -10.55 -8.77 8.72
C ASP A 24 -10.01 -7.76 7.70
N LEU A 25 -8.71 -7.51 7.72
CA LEU A 25 -8.10 -6.59 6.78
C LEU A 25 -7.50 -7.28 5.56
N SER A 26 -7.75 -8.58 5.40
CA SER A 26 -7.10 -9.34 4.31
C SER A 26 -7.56 -8.91 2.93
N GLY A 27 -8.80 -8.44 2.87
CA GLY A 27 -9.43 -8.08 1.60
C GLY A 27 -10.29 -9.19 1.04
N TYR A 28 -10.36 -10.32 1.73
CA TYR A 28 -11.25 -11.39 1.27
C TYR A 28 -12.61 -11.32 1.95
N GLY A 29 -12.75 -10.37 2.88
CA GLY A 29 -14.04 -10.09 3.52
C GLY A 29 -14.63 -11.21 4.37
N ALA A 30 -13.79 -11.78 5.22
CA ALA A 30 -14.30 -12.74 6.18
C ALA A 30 -15.26 -11.98 7.09
N LYS A 31 -16.35 -12.62 7.48
CA LYS A 31 -17.26 -11.98 8.41
C LYS A 31 -16.73 -12.22 9.83
N VAL A 32 -16.52 -11.15 10.58
CA VAL A 32 -15.99 -11.28 11.95
C VAL A 32 -17.04 -10.82 12.98
N GLU A 33 -17.47 -11.74 13.84
CA GLU A 33 -18.41 -11.40 14.90
C GLU A 33 -17.80 -11.56 16.28
N VAL A 34 -17.44 -10.43 16.88
CA VAL A 34 -16.94 -10.39 18.25
C VAL A 34 -18.11 -10.26 19.23
N TYR A 35 -18.40 -11.30 20.00
CA TYR A 35 -19.46 -11.22 20.99
C TYR A 35 -19.02 -10.35 22.18
N ASP A 36 -19.99 -9.90 22.96
CA ASP A 36 -19.72 -8.85 23.95
C ASP A 36 -18.74 -9.24 25.07
N GLY A 37 -18.62 -10.54 25.33
CA GLY A 37 -17.74 -11.06 26.38
C GLY A 37 -16.26 -11.05 26.03
N VAL A 38 -15.92 -10.63 24.81
CA VAL A 38 -14.52 -10.46 24.44
C VAL A 38 -14.08 -9.04 24.78
N GLU A 39 -13.09 -8.91 25.66
CA GLU A 39 -12.56 -7.59 25.93
C GLU A 39 -11.54 -7.19 24.87
N LEU A 40 -11.64 -5.96 24.35
CA LEU A 40 -10.72 -5.43 23.35
C LEU A 40 -10.07 -4.16 23.84
N ASN A 41 -8.85 -3.89 23.39
CA ASN A 41 -8.26 -2.56 23.56
C ASN A 41 -7.52 -2.15 22.29
N ASP A 42 -7.13 -0.89 22.22
CA ASP A 42 -6.61 -0.32 20.97
C ASP A 42 -5.13 -0.65 20.78
N LYS A 43 -4.60 -1.52 21.65
CA LYS A 43 -3.27 -2.10 21.47
C LYS A 43 -3.41 -3.45 20.79
N ASN A 44 -4.59 -3.66 20.20
CA ASN A 44 -4.87 -4.88 19.44
C ASN A 44 -4.87 -6.14 20.29
N GLN A 45 -5.03 -5.98 21.60
CA GLN A 45 -5.14 -7.12 22.51
C GLN A 45 -6.61 -7.49 22.72
N PHE A 46 -6.91 -8.78 22.77
CA PHE A 46 -8.28 -9.22 23.12
C PHE A 46 -8.23 -10.38 24.07
N LYS A 47 -9.23 -10.43 24.96
CA LYS A 47 -9.26 -11.38 26.06
C LYS A 47 -10.40 -12.37 25.88
N LEU A 48 -10.08 -13.65 25.90
CA LEU A 48 -11.09 -14.71 25.95
C LEU A 48 -11.23 -15.15 27.40
N THR A 49 -12.46 -15.10 27.93
CA THR A 49 -12.72 -15.51 29.30
C THR A 49 -13.54 -16.78 29.33
N SER A 50 -13.92 -17.21 30.55
CA SER A 50 -14.75 -18.41 30.70
C SER A 50 -16.22 -18.13 30.40
N SER A 51 -16.58 -16.87 30.20
CA SER A 51 -17.99 -16.56 30.06
C SER A 51 -18.51 -16.97 28.67
N ALA A 52 -19.79 -17.35 28.57
CA ALA A 52 -20.33 -17.98 27.37
C ALA A 52 -20.35 -17.06 26.17
N ASN A 53 -20.54 -15.76 26.41
CA ASN A 53 -20.51 -14.79 25.32
C ASN A 53 -19.09 -14.26 25.04
N SER A 54 -18.07 -14.94 25.57
CA SER A 54 -16.68 -14.54 25.29
C SER A 54 -16.19 -15.33 24.10
N LYS A 55 -16.56 -14.88 22.91
CA LYS A 55 -16.21 -15.64 21.73
C LYS A 55 -16.20 -14.78 20.49
N ILE A 56 -15.45 -15.23 19.50
CA ILE A 56 -15.40 -14.59 18.22
C ILE A 56 -15.72 -15.62 17.16
N ARG A 57 -16.66 -15.32 16.28
CA ARG A 57 -16.97 -16.24 15.20
C ARG A 57 -16.50 -15.63 13.90
N VAL A 58 -15.62 -16.33 13.19
CA VAL A 58 -15.21 -15.83 11.88
C VAL A 58 -15.76 -16.75 10.81
N THR A 59 -16.51 -16.16 9.88
CA THR A 59 -17.00 -16.91 8.74
C THR A 59 -16.14 -16.58 7.54
N GLN A 60 -15.45 -17.59 7.03
CA GLN A 60 -14.52 -17.36 5.92
C GLN A 60 -15.22 -17.26 4.59
N ASN A 61 -14.57 -16.59 3.65
CA ASN A 61 -15.01 -16.54 2.25
C ASN A 61 -15.17 -17.96 1.70
N GLN A 62 -16.37 -18.30 1.24
CA GLN A 62 -16.63 -19.68 0.88
C GLN A 62 -16.42 -19.98 -0.62
N ASN A 63 -15.96 -19.01 -1.39
CA ASN A 63 -15.75 -19.26 -2.82
C ASN A 63 -14.27 -19.34 -3.21
N ILE A 64 -13.38 -19.32 -2.22
CA ILE A 64 -11.96 -19.43 -2.51
C ILE A 64 -11.33 -20.57 -1.72
N ILE A 65 -10.54 -21.41 -2.40
CA ILE A 65 -9.78 -22.45 -1.71
C ILE A 65 -8.30 -22.18 -1.90
N PHE A 66 -7.56 -21.98 -0.79
CA PHE A 66 -6.17 -21.50 -0.85
C PHE A 66 -5.10 -22.59 -0.88
N ASN A 67 -5.48 -23.80 -0.49
CA ASN A 67 -4.59 -24.95 -0.56
C ASN A 67 -5.35 -26.03 -1.32
N SER A 68 -5.59 -25.82 -2.61
CA SER A 68 -6.50 -26.70 -3.30
C SER A 68 -5.85 -28.05 -3.61
N VAL A 69 -4.52 -28.07 -3.72
CA VAL A 69 -3.80 -29.29 -4.11
C VAL A 69 -2.87 -29.80 -3.00
N PHE A 70 -2.11 -28.91 -2.37
CA PHE A 70 -1.22 -29.35 -1.31
C PHE A 70 -1.26 -28.40 -0.10
N LEU A 71 -0.99 -28.96 1.06
CA LEU A 71 -0.97 -28.24 2.33
C LEU A 71 0.19 -27.25 2.33
N ASP A 72 -0.09 -25.99 2.66
CA ASP A 72 0.92 -24.92 2.55
C ASP A 72 0.35 -23.68 3.22
N PHE A 73 0.35 -23.65 4.55
CA PHE A 73 -0.24 -22.50 5.21
C PHE A 73 0.34 -22.32 6.60
N SER A 74 0.20 -21.11 7.11
CA SER A 74 0.77 -20.70 8.40
C SER A 74 -0.21 -19.87 9.24
N VAL A 75 -0.02 -19.90 10.55
CA VAL A 75 -0.82 -19.12 11.48
C VAL A 75 0.12 -18.39 12.44
N SER A 76 -0.12 -17.10 12.72
CA SER A 76 0.72 -16.41 13.68
C SER A 76 -0.13 -15.55 14.59
N PHE A 77 0.36 -15.36 15.81
CA PHE A 77 -0.32 -14.59 16.82
C PHE A 77 0.60 -14.41 18.02
N TRP A 78 0.31 -13.38 18.80
CA TRP A 78 0.92 -13.20 20.10
C TRP A 78 -0.08 -13.69 21.14
N ILE A 79 0.42 -14.17 22.28
CA ILE A 79 -0.44 -14.70 23.30
C ILE A 79 0.14 -14.41 24.66
N ARG A 80 -0.74 -14.26 25.65
CA ARG A 80 -0.29 -14.08 27.02
C ARG A 80 -1.16 -14.95 27.92
N ILE A 81 -0.55 -16.01 28.43
CA ILE A 81 -1.19 -17.07 29.17
C ILE A 81 -0.92 -16.93 30.68
N PRO A 82 -1.96 -16.78 31.50
CA PRO A 82 -1.69 -16.57 32.94
C PRO A 82 -0.99 -17.74 33.61
N LYS A 83 -0.24 -17.40 34.67
CA LYS A 83 0.42 -18.40 35.49
C LYS A 83 -0.62 -19.32 36.14
N TYR A 84 -0.26 -20.58 36.29
CA TYR A 84 -1.00 -21.51 37.10
C TYR A 84 -1.37 -20.95 38.48
N LYS A 85 -2.51 -21.39 38.99
CA LYS A 85 -2.87 -21.08 40.37
C LYS A 85 -2.19 -22.12 41.24
N ASN A 86 -1.56 -21.68 42.33
CA ASN A 86 -0.80 -22.60 43.16
C ASN A 86 -1.69 -23.71 43.75
N ASP A 87 -2.95 -23.39 44.06
CA ASP A 87 -3.87 -24.40 44.60
C ASP A 87 -4.68 -25.13 43.51
N GLY A 88 -4.29 -24.96 42.25
CA GLY A 88 -5.01 -25.58 41.15
C GLY A 88 -4.05 -26.20 40.16
N ILE A 89 -2.92 -26.69 40.65
CA ILE A 89 -1.88 -27.17 39.74
C ILE A 89 -2.26 -28.44 39.00
N GLN A 90 -3.00 -29.33 39.66
N GLN A 90 -3.03 -29.31 39.64
CA GLN A 90 -3.40 -30.57 39.01
CA GLN A 90 -3.41 -30.57 39.03
C GLN A 90 -4.30 -30.35 37.80
C GLN A 90 -4.31 -30.36 37.81
N ASN A 91 -5.29 -29.47 37.93
CA ASN A 91 -6.16 -29.14 36.81
C ASN A 91 -5.37 -28.43 35.71
N TYR A 92 -4.51 -27.51 36.11
CA TYR A 92 -3.65 -26.80 35.15
C TYR A 92 -2.86 -27.81 34.33
N ILE A 93 -2.21 -28.75 34.99
CA ILE A 93 -1.38 -29.73 34.29
C ILE A 93 -2.20 -30.63 33.34
N HIS A 94 -3.40 -31.00 33.77
CA HIS A 94 -4.10 -32.11 33.10
C HIS A 94 -5.25 -31.71 32.21
N ASN A 95 -5.84 -30.55 32.42
CA ASN A 95 -7.05 -30.21 31.65
C ASN A 95 -6.77 -29.38 30.39
N GLU A 96 -6.87 -30.05 29.25
CA GLU A 96 -6.72 -29.37 27.97
C GLU A 96 -7.98 -28.61 27.57
N TYR A 97 -7.76 -27.40 27.05
CA TYR A 97 -8.87 -26.59 26.57
C TYR A 97 -8.51 -25.97 25.23
N THR A 98 -9.46 -26.01 24.31
CA THR A 98 -9.30 -25.40 23.01
C THR A 98 -9.39 -23.89 23.16
N ILE A 99 -8.62 -23.13 22.36
CA ILE A 99 -8.85 -21.69 22.35
C ILE A 99 -9.30 -21.22 20.98
N ILE A 100 -8.85 -21.91 19.93
CA ILE A 100 -9.29 -21.59 18.57
C ILE A 100 -9.53 -22.87 17.80
N ASN A 101 -10.69 -22.93 17.18
CA ASN A 101 -11.15 -24.14 16.50
C ASN A 101 -11.61 -23.78 15.10
N CYS A 102 -11.12 -24.52 14.12
CA CYS A 102 -11.51 -24.32 12.74
C CYS A 102 -11.78 -25.68 12.11
N MET A 103 -13.02 -26.16 12.26
CA MET A 103 -13.36 -27.52 11.84
C MET A 103 -14.60 -27.53 10.97
N LYS A 104 -14.64 -28.46 10.04
CA LYS A 104 -15.86 -28.72 9.28
C LYS A 104 -15.94 -30.19 8.95
N ASN A 105 -17.04 -30.84 9.32
CA ASN A 105 -17.20 -32.28 9.15
C ASN A 105 -16.05 -33.05 9.79
N ASN A 106 -15.72 -32.67 11.02
CA ASN A 106 -14.70 -33.33 11.83
C ASN A 106 -13.31 -33.30 11.19
N SER A 107 -13.07 -32.31 10.35
CA SER A 107 -11.72 -32.12 9.81
C SER A 107 -11.35 -30.64 9.87
N GLY A 108 -10.06 -30.35 10.01
CA GLY A 108 -9.61 -28.97 10.12
C GLY A 108 -8.42 -28.85 11.06
N TRP A 109 -8.32 -27.72 11.76
CA TRP A 109 -7.24 -27.53 12.72
C TRP A 109 -7.76 -26.93 14.02
N LYS A 110 -6.94 -27.02 15.06
CA LYS A 110 -7.26 -26.31 16.28
C LYS A 110 -5.98 -25.94 17.03
N ILE A 111 -6.10 -24.90 17.85
CA ILE A 111 -5.08 -24.49 18.79
C ILE A 111 -5.64 -24.71 20.19
N SER A 112 -4.92 -25.48 21.00
CA SER A 112 -5.39 -25.76 22.34
C SER A 112 -4.24 -25.55 23.33
N ILE A 113 -4.62 -25.43 24.59
CA ILE A 113 -3.64 -25.29 25.66
C ILE A 113 -3.86 -26.34 26.72
N ARG A 114 -2.78 -26.93 27.19
CA ARG A 114 -2.85 -27.75 28.40
C ARG A 114 -1.76 -27.31 29.35
N GLY A 115 -2.14 -26.55 30.38
CA GLY A 115 -1.17 -26.01 31.35
C GLY A 115 -0.14 -25.15 30.63
N ASN A 116 1.11 -25.60 30.70
CA ASN A 116 2.26 -24.89 30.14
C ASN A 116 2.57 -25.32 28.70
N ARG A 117 1.61 -25.98 28.05
CA ARG A 117 1.84 -26.44 26.68
C ARG A 117 0.82 -25.83 25.72
N ILE A 118 1.28 -25.30 24.60
CA ILE A 118 0.35 -24.82 23.59
C ILE A 118 0.49 -25.76 22.41
N ILE A 119 -0.65 -26.18 21.87
CA ILE A 119 -0.70 -27.32 20.97
C ILE A 119 -1.41 -27.00 19.64
N TRP A 120 -0.80 -27.39 18.54
CA TRP A 120 -1.40 -27.26 17.21
C TRP A 120 -1.76 -28.63 16.72
N THR A 121 -2.99 -28.80 16.23
CA THR A 121 -3.49 -30.10 15.80
C THR A 121 -4.14 -30.04 14.43
N LEU A 122 -3.76 -30.94 13.54
CA LEU A 122 -4.42 -31.10 12.25
C LEU A 122 -5.26 -32.36 12.27
N ILE A 123 -6.44 -32.31 11.67
CA ILE A 123 -7.27 -33.50 11.54
C ILE A 123 -7.74 -33.64 10.09
N ASP A 124 -7.33 -34.71 9.41
CA ASP A 124 -7.72 -34.83 8.00
C ASP A 124 -9.10 -35.48 7.82
N ILE A 125 -9.52 -35.62 6.57
CA ILE A 125 -10.84 -36.16 6.26
C ILE A 125 -11.06 -37.60 6.74
N ASN A 126 -9.97 -38.33 6.97
CA ASN A 126 -10.07 -39.70 7.41
C ASN A 126 -9.97 -39.80 8.92
N GLY A 127 -9.77 -38.65 9.56
CA GLY A 127 -9.72 -38.58 11.01
C GLY A 127 -8.33 -38.76 11.54
N LYS A 128 -7.35 -38.87 10.66
CA LYS A 128 -5.96 -39.01 11.09
C LYS A 128 -5.52 -37.72 11.76
N THR A 129 -4.78 -37.83 12.86
CA THR A 129 -4.47 -36.66 13.68
C THR A 129 -2.98 -36.49 13.88
N LYS A 130 -2.49 -35.26 13.71
CA LYS A 130 -1.09 -34.94 14.02
C LYS A 130 -1.03 -33.65 14.84
N SER A 131 -0.09 -33.57 15.78
CA SER A 131 0.09 -32.37 16.58
C SER A 131 1.56 -31.96 16.70
N VAL A 132 1.77 -30.67 16.93
CA VAL A 132 3.08 -30.17 17.32
C VAL A 132 2.84 -29.19 18.48
N PHE A 133 3.75 -29.13 19.45
CA PHE A 133 3.49 -28.29 20.58
C PHE A 133 4.74 -27.59 21.09
N PHE A 134 4.52 -26.55 21.86
CA PHE A 134 5.59 -25.87 22.57
C PHE A 134 5.24 -25.90 24.04
N GLU A 135 6.15 -26.40 24.87
CA GLU A 135 5.94 -26.44 26.30
C GLU A 135 7.04 -25.66 27.03
N TYR A 136 6.68 -24.67 27.84
CA TYR A 136 7.68 -23.92 28.60
C TYR A 136 7.78 -24.42 30.03
N ASN A 137 8.98 -24.34 30.61
CA ASN A 137 9.26 -24.89 31.95
C ASN A 137 8.44 -24.18 33.01
N ILE A 138 7.91 -24.91 33.97
CA ILE A 138 7.22 -24.24 35.07
C ILE A 138 8.01 -24.41 36.37
N ARG A 139 9.32 -24.60 36.23
CA ARG A 139 10.21 -24.70 37.40
C ARG A 139 11.37 -23.69 37.38
N GLU A 140 11.35 -22.77 36.42
CA GLU A 140 12.35 -21.70 36.33
C GLU A 140 12.19 -20.66 37.41
N ASP A 141 13.31 -20.18 37.93
CA ASP A 141 13.27 -19.07 38.87
C ASP A 141 12.54 -17.88 38.24
N ILE A 142 12.90 -17.59 37.00
CA ILE A 142 12.29 -16.50 36.22
C ILE A 142 11.95 -17.00 34.83
N SER A 143 10.67 -16.97 34.46
CA SER A 143 10.29 -17.48 33.14
C SER A 143 10.18 -16.36 32.13
N GLU A 144 10.68 -16.60 30.93
CA GLU A 144 10.50 -15.64 29.85
C GLU A 144 9.08 -15.74 29.27
N TYR A 145 8.32 -16.80 29.64
CA TYR A 145 7.06 -17.11 28.95
C TYR A 145 5.79 -16.99 29.80
N ILE A 146 5.86 -17.41 31.06
CA ILE A 146 4.66 -17.40 31.89
C ILE A 146 4.07 -16.02 32.13
N ASN A 147 2.82 -15.85 31.68
CA ASN A 147 2.08 -14.60 31.76
C ASN A 147 2.75 -13.43 31.03
N ARG A 148 3.68 -13.72 30.12
CA ARG A 148 4.34 -12.65 29.36
C ARG A 148 3.99 -12.80 27.90
N TRP A 149 3.79 -11.68 27.20
CA TRP A 149 3.48 -11.73 25.77
C TRP A 149 4.58 -12.46 24.99
N PHE A 150 4.22 -13.47 24.21
CA PHE A 150 5.23 -14.03 23.30
C PHE A 150 4.61 -14.37 21.95
N PHE A 151 5.46 -14.57 20.95
CA PHE A 151 5.08 -14.65 19.54
C PHE A 151 5.11 -16.08 19.03
N VAL A 152 3.97 -16.53 18.53
CA VAL A 152 3.82 -17.87 18.02
C VAL A 152 3.66 -17.86 16.51
N THR A 153 4.37 -18.76 15.83
CA THR A 153 4.04 -18.97 14.43
C THR A 153 4.07 -20.45 14.18
N ILE A 154 3.04 -20.95 13.52
CA ILE A 154 2.95 -22.32 13.11
C ILE A 154 2.98 -22.39 11.60
N THR A 155 3.76 -23.31 11.03
CA THR A 155 3.77 -23.46 9.58
C THR A 155 3.49 -24.91 9.21
N ASN A 156 2.91 -25.10 8.04
CA ASN A 156 2.54 -26.43 7.60
C ASN A 156 2.93 -26.57 6.15
N ASN A 157 3.63 -27.66 5.80
CA ASN A 157 3.72 -28.00 4.39
C ASN A 157 3.43 -29.49 4.18
N LEU A 158 3.78 -30.00 3.01
CA LEU A 158 3.56 -31.41 2.71
C LEU A 158 4.15 -32.34 3.74
N ASN A 159 5.30 -31.94 4.30
CA ASN A 159 6.12 -32.82 5.15
C ASN A 159 6.07 -32.52 6.64
N ASN A 160 6.01 -31.23 6.98
CA ASN A 160 6.22 -30.78 8.35
C ASN A 160 5.17 -29.81 8.93
N ALA A 161 4.88 -29.96 10.22
CA ALA A 161 4.21 -28.92 11.01
C ALA A 161 5.20 -28.41 12.03
N LYS A 162 5.48 -27.11 11.96
CA LYS A 162 6.49 -26.49 12.83
C LYS A 162 5.92 -25.45 13.77
N ILE A 163 6.42 -25.35 14.99
CA ILE A 163 6.09 -24.21 15.83
C ILE A 163 7.33 -23.39 16.12
N TYR A 164 7.22 -22.09 15.87
CA TYR A 164 8.28 -21.12 16.18
C TYR A 164 7.84 -20.25 17.33
N ILE A 165 8.77 -19.91 18.21
CA ILE A 165 8.44 -19.03 19.33
C ILE A 165 9.39 -17.88 19.30
N ASN A 166 8.86 -16.66 19.25
CA ASN A 166 9.69 -15.45 19.16
C ASN A 166 10.71 -15.57 18.02
N GLY A 167 10.27 -16.14 16.90
CA GLY A 167 11.08 -16.23 15.69
C GLY A 167 12.00 -17.45 15.60
N LYS A 168 12.08 -18.23 16.66
CA LYS A 168 13.00 -19.37 16.68
C LYS A 168 12.27 -20.71 16.66
N LEU A 169 12.79 -21.65 15.86
CA LEU A 169 12.16 -22.96 15.72
C LEU A 169 12.19 -23.77 17.01
N GLU A 170 11.03 -24.21 17.49
CA GLU A 170 11.00 -24.95 18.74
C GLU A 170 10.80 -26.44 18.55
N SER A 171 9.92 -26.80 17.61
CA SER A 171 9.55 -28.19 17.41
C SER A 171 8.99 -28.42 16.02
N ASN A 172 9.05 -29.67 15.59
CA ASN A 172 8.64 -30.09 14.26
C ASN A 172 8.01 -31.46 14.38
N THR A 173 6.91 -31.66 13.65
CA THR A 173 6.25 -32.95 13.61
C THR A 173 6.12 -33.38 12.15
N ASP A 174 6.46 -34.63 11.86
CA ASP A 174 6.28 -35.16 10.50
C ASP A 174 4.79 -35.31 10.20
N ILE A 175 4.31 -34.67 9.14
CA ILE A 175 2.89 -34.84 8.80
C ILE A 175 2.71 -35.35 7.38
N LYS A 176 3.67 -36.12 6.87
CA LYS A 176 3.56 -36.66 5.50
C LYS A 176 2.38 -37.59 5.30
N ASP A 177 1.94 -38.26 6.36
CA ASP A 177 0.86 -39.25 6.24
C ASP A 177 -0.52 -38.61 6.35
N ILE A 178 -0.60 -37.28 6.56
CA ILE A 178 -1.85 -36.40 6.58
C ILE A 178 -2.30 -36.17 5.13
N ARG A 179 -3.60 -36.30 4.99
CA ARG A 179 -4.26 -36.14 3.74
C ARG A 179 -5.03 -34.85 3.74
N GLU A 180 -6.13 -34.77 3.00
CA GLU A 180 -6.83 -33.53 2.87
C GLU A 180 -7.30 -33.04 4.21
N VAL A 181 -7.04 -31.77 4.50
CA VAL A 181 -7.63 -31.15 5.68
C VAL A 181 -8.61 -30.06 5.22
N ILE A 182 -9.84 -30.17 5.71
CA ILE A 182 -10.89 -29.23 5.35
C ILE A 182 -10.55 -27.91 6.01
N ALA A 183 -10.41 -26.85 5.24
CA ALA A 183 -9.85 -25.60 5.74
C ALA A 183 -10.83 -24.44 5.80
N ASN A 184 -12.05 -24.65 5.30
CA ASN A 184 -12.98 -23.53 5.11
C ASN A 184 -14.05 -23.39 6.21
N GLY A 185 -13.91 -24.17 7.28
CA GLY A 185 -14.82 -24.09 8.40
C GLY A 185 -14.82 -22.72 9.05
N GLU A 186 -15.81 -22.49 9.89
CA GLU A 186 -15.82 -21.30 10.71
C GLU A 186 -14.62 -21.32 11.65
N ILE A 187 -14.12 -20.14 11.97
CA ILE A 187 -13.03 -20.04 12.96
C ILE A 187 -13.63 -19.52 14.24
N ILE A 188 -13.62 -20.36 15.28
CA ILE A 188 -14.23 -19.98 16.55
C ILE A 188 -13.17 -19.75 17.62
N PHE A 189 -13.07 -18.51 18.05
CA PHE A 189 -12.18 -18.12 19.14
C PHE A 189 -12.99 -18.20 20.43
N LYS A 190 -12.69 -19.19 21.25
CA LYS A 190 -13.46 -19.43 22.48
C LYS A 190 -12.77 -20.49 23.32
N LEU A 191 -12.68 -20.26 24.64
CA LEU A 191 -12.18 -21.27 25.55
C LEU A 191 -13.17 -22.42 25.64
N ASP A 192 -12.70 -23.64 25.45
CA ASP A 192 -13.59 -24.79 25.39
C ASP A 192 -12.93 -25.95 26.08
N GLY A 193 -13.40 -26.30 27.27
CA GLY A 193 -12.81 -27.38 28.03
C GLY A 193 -13.16 -27.29 29.50
N ASP A 194 -12.55 -28.16 30.30
CA ASP A 194 -12.81 -28.18 31.76
C ASP A 194 -11.98 -27.10 32.46
N ILE A 195 -12.40 -25.85 32.30
CA ILE A 195 -11.62 -24.70 32.76
C ILE A 195 -12.12 -24.11 34.07
N ASP A 196 -11.21 -23.48 34.80
CA ASP A 196 -11.59 -22.71 35.97
C ASP A 196 -12.43 -21.53 35.52
N ARG A 197 -13.31 -21.10 36.40
CA ARG A 197 -14.12 -19.91 36.15
C ARG A 197 -13.21 -18.69 35.85
N THR A 198 -12.05 -18.66 36.52
CA THR A 198 -11.12 -17.52 36.43
C THR A 198 -10.19 -17.59 35.22
N GLN A 199 -10.23 -18.69 34.47
CA GLN A 199 -9.31 -18.87 33.33
C GLN A 199 -9.52 -17.85 32.22
N PHE A 200 -8.42 -17.35 31.66
CA PHE A 200 -8.52 -16.49 30.49
C PHE A 200 -7.24 -16.61 29.66
N ILE A 201 -7.30 -16.05 28.45
CA ILE A 201 -6.15 -15.96 27.55
C ILE A 201 -6.18 -14.56 26.92
N TRP A 202 -5.03 -13.91 26.75
CA TRP A 202 -5.01 -12.71 25.90
C TRP A 202 -4.36 -13.07 24.58
N MET A 203 -4.84 -12.50 23.48
CA MET A 203 -4.17 -12.72 22.20
C MET A 203 -4.04 -11.42 21.41
N LYS A 204 -3.23 -11.44 20.37
CA LYS A 204 -3.01 -10.22 19.63
C LYS A 204 -2.48 -10.54 18.24
N TYR A 205 -2.93 -9.76 17.26
CA TYR A 205 -2.46 -9.87 15.88
C TYR A 205 -2.66 -11.26 15.28
N PHE A 206 -3.86 -11.83 15.36
CA PHE A 206 -4.04 -13.16 14.81
C PHE A 206 -4.09 -13.08 13.28
N SER A 207 -3.33 -13.94 12.62
CA SER A 207 -3.20 -13.93 11.15
C SER A 207 -3.07 -15.36 10.61
N ILE A 208 -3.61 -15.56 9.40
CA ILE A 208 -3.44 -16.78 8.67
C ILE A 208 -2.83 -16.43 7.32
N PHE A 209 -1.89 -17.26 6.88
CA PHE A 209 -1.13 -17.06 5.65
C PHE A 209 -1.27 -18.26 4.73
N ASN A 210 -1.31 -18.04 3.41
CA ASN A 210 -1.58 -19.15 2.49
C ASN A 210 -0.36 -19.83 1.93
N THR A 211 0.77 -19.69 2.63
CA THR A 211 1.99 -20.42 2.34
C THR A 211 2.73 -20.78 3.64
N GLU A 212 3.71 -21.68 3.53
CA GLU A 212 4.64 -21.98 4.63
C GLU A 212 5.65 -20.87 4.82
N LEU A 213 5.52 -20.07 5.88
CA LEU A 213 6.45 -18.96 6.08
C LEU A 213 7.86 -19.48 6.43
N SER A 214 8.89 -18.86 5.87
CA SER A 214 10.27 -19.27 6.21
C SER A 214 10.66 -18.69 7.56
N GLN A 215 11.66 -19.29 8.21
N GLN A 215 11.68 -19.29 8.18
CA GLN A 215 12.14 -18.76 9.49
CA GLN A 215 12.22 -18.83 9.47
C GLN A 215 12.53 -17.29 9.34
C GLN A 215 12.64 -17.36 9.39
N SER A 216 13.17 -16.94 8.24
CA SER A 216 13.60 -15.56 8.06
C SER A 216 12.39 -14.62 7.99
N ASN A 217 11.34 -15.07 7.29
CA ASN A 217 10.13 -14.27 7.20
C ASN A 217 9.50 -14.09 8.57
N ILE A 218 9.49 -15.17 9.34
CA ILE A 218 8.90 -15.18 10.68
C ILE A 218 9.66 -14.24 11.60
N GLU A 219 10.97 -14.31 11.51
CA GLU A 219 11.82 -13.45 12.34
C GLU A 219 11.59 -11.97 12.02
N GLU A 220 11.43 -11.67 10.74
CA GLU A 220 11.18 -10.30 10.35
C GLU A 220 9.83 -9.82 10.91
N ARG A 221 8.81 -10.66 10.87
CA ARG A 221 7.50 -10.25 11.40
C ARG A 221 7.58 -10.07 12.94
N TYR A 222 8.32 -10.95 13.60
CA TYR A 222 8.59 -10.82 15.05
C TYR A 222 9.11 -9.43 15.37
N LYS A 223 10.16 -9.03 14.66
CA LYS A 223 10.74 -7.71 14.93
C LYS A 223 9.76 -6.59 14.59
N ILE A 224 9.09 -6.70 13.45
CA ILE A 224 8.14 -5.65 13.05
C ILE A 224 7.00 -5.50 14.07
N GLN A 225 6.42 -6.62 14.49
CA GLN A 225 5.30 -6.58 15.42
C GLN A 225 5.74 -6.28 16.86
N SER A 226 7.02 -6.46 17.16
CA SER A 226 7.57 -6.08 18.49
C SER A 226 7.83 -4.59 18.59
N TYR A 227 8.14 -3.97 17.44
CA TYR A 227 8.64 -2.60 17.45
C TYR A 227 7.63 -1.62 18.06
N SER A 228 8.12 -0.75 18.95
CA SER A 228 7.31 0.34 19.50
C SER A 228 8.20 1.53 19.82
N GLU A 229 7.63 2.73 19.80
CA GLU A 229 8.38 3.91 20.20
C GLU A 229 8.45 3.94 21.74
N TYR A 230 7.53 3.23 22.38
CA TYR A 230 7.52 3.15 23.83
C TYR A 230 8.17 1.91 24.30
N LEU A 231 8.43 1.94 25.59
CA LEU A 231 9.10 0.91 26.29
C LEU A 231 8.00 -0.03 26.80
N LYS A 232 8.37 -1.24 27.24
CA LYS A 232 7.37 -2.20 27.72
C LYS A 232 7.61 -2.51 29.19
N ASP A 233 6.61 -3.07 29.85
CA ASP A 233 6.84 -3.60 31.18
C ASP A 233 7.26 -5.07 31.08
N PHE A 234 7.49 -5.71 32.22
CA PHE A 234 7.95 -7.09 32.33
C PHE A 234 7.00 -8.06 31.60
N TRP A 235 5.73 -7.70 31.57
CA TRP A 235 4.73 -8.58 30.96
C TRP A 235 4.67 -8.38 29.45
N GLY A 236 5.26 -7.29 28.96
CA GLY A 236 5.22 -7.01 27.54
C GLY A 236 4.20 -5.96 27.17
N ASN A 237 3.49 -5.41 28.15
CA ASN A 237 2.57 -4.29 27.93
C ASN A 237 3.31 -2.96 27.89
N PRO A 238 2.69 -1.90 27.34
CA PRO A 238 3.38 -0.60 27.35
C PRO A 238 3.69 -0.13 28.75
N LEU A 239 4.90 0.38 28.90
CA LEU A 239 5.33 0.99 30.15
C LEU A 239 4.58 2.30 30.35
N MET A 240 4.12 2.53 31.57
CA MET A 240 3.29 3.69 31.85
C MET A 240 3.86 4.59 32.94
N TYR A 241 3.60 5.89 32.83
CA TYR A 241 3.83 6.82 33.94
C TYR A 241 2.78 6.63 35.03
N ASN A 242 3.14 7.06 36.23
CA ASN A 242 2.21 7.12 37.35
C ASN A 242 1.59 5.76 37.67
N LYS A 243 2.37 4.69 37.48
CA LYS A 243 1.90 3.32 37.71
C LYS A 243 2.89 2.58 38.57
N GLU A 244 2.39 1.93 39.63
CA GLU A 244 3.28 1.25 40.56
C GLU A 244 3.95 0.02 39.95
N TYR A 245 5.27 -0.09 40.16
CA TYR A 245 6.08 -1.19 39.62
C TYR A 245 7.10 -1.73 40.60
N TYR A 246 7.25 -3.04 40.66
CA TYR A 246 8.42 -3.64 41.27
C TYR A 246 9.53 -3.65 40.22
N MET A 247 10.78 -3.79 40.63
CA MET A 247 11.86 -3.78 39.63
C MET A 247 12.62 -5.07 39.50
N PHE A 248 12.87 -5.47 38.26
CA PHE A 248 13.57 -6.69 37.96
C PHE A 248 14.88 -6.34 37.26
N ASN A 249 15.95 -7.04 37.61
CA ASN A 249 17.26 -6.82 36.98
C ASN A 249 17.69 -8.02 36.17
N ALA A 250 17.86 -7.81 34.87
CA ALA A 250 18.10 -8.89 33.92
C ALA A 250 19.48 -9.53 34.10
N GLY A 251 20.41 -8.81 34.73
CA GLY A 251 21.72 -9.36 35.00
C GLY A 251 21.80 -9.96 36.39
N ASN A 252 20.79 -9.66 37.19
CA ASN A 252 20.69 -10.21 38.54
C ASN A 252 19.29 -10.73 38.81
N LYS A 253 18.91 -11.81 38.12
CA LYS A 253 17.49 -12.23 38.09
C LYS A 253 16.91 -12.45 39.49
N ASN A 254 17.67 -13.09 40.37
CA ASN A 254 17.11 -13.40 41.68
C ASN A 254 17.32 -12.31 42.72
N SER A 255 17.64 -11.09 42.29
CA SER A 255 17.91 -9.99 43.21
C SER A 255 16.83 -8.91 43.17
N TYR A 256 16.57 -8.28 44.31
CA TYR A 256 15.63 -7.17 44.33
C TYR A 256 16.10 -6.06 45.25
N ILE A 257 15.51 -4.87 45.09
CA ILE A 257 15.93 -3.65 45.79
C ILE A 257 15.09 -3.39 47.03
N LYS A 258 15.74 -3.12 48.15
CA LYS A 258 14.99 -2.75 49.35
C LYS A 258 15.74 -1.62 50.04
N LEU A 259 15.00 -0.62 50.50
CA LEU A 259 15.59 0.49 51.24
C LEU A 259 16.34 -0.04 52.44
N LYS A 260 17.61 0.33 52.56
CA LYS A 260 18.42 -0.14 53.67
C LYS A 260 17.85 0.42 54.97
N LYS A 261 17.86 -0.40 56.00
CA LYS A 261 17.40 0.00 57.33
C LYS A 261 18.13 1.25 57.82
N ASP A 262 17.38 2.33 58.01
CA ASP A 262 17.91 3.57 58.57
C ASP A 262 19.08 4.15 57.76
N SER A 263 19.04 3.95 56.44
CA SER A 263 20.05 4.48 55.55
C SER A 263 19.43 4.79 54.20
N PRO A 264 19.77 5.94 53.59
CA PRO A 264 19.11 6.36 52.35
C PRO A 264 19.74 5.75 51.11
N VAL A 265 19.94 4.43 51.13
CA VAL A 265 20.43 3.71 49.97
C VAL A 265 19.57 2.47 49.70
N GLY A 266 19.73 1.88 48.52
CA GLY A 266 19.02 0.65 48.22
C GLY A 266 19.91 -0.57 48.31
N GLU A 267 19.66 -1.41 49.31
CA GLU A 267 20.41 -2.66 49.40
C GLU A 267 19.79 -3.69 48.47
N ILE A 268 20.56 -4.69 48.10
CA ILE A 268 20.10 -5.74 47.20
C ILE A 268 19.92 -7.08 47.94
N LEU A 269 18.71 -7.65 47.84
CA LEU A 269 18.40 -8.90 48.53
C LEU A 269 17.99 -10.01 47.56
N THR A 270 18.00 -11.25 48.02
CA THR A 270 17.67 -12.38 47.16
C THR A 270 16.17 -12.72 47.24
N ARG A 271 15.52 -12.88 46.07
CA ARG A 271 14.09 -13.15 45.99
C ARG A 271 13.69 -14.39 46.79
N SER A 272 12.62 -14.28 47.56
CA SER A 272 12.01 -15.46 48.15
C SER A 272 11.45 -16.31 47.01
N LYS A 273 11.21 -17.60 47.28
CA LYS A 273 10.70 -18.49 46.25
C LYS A 273 9.45 -19.23 46.69
N TYR A 274 8.88 -19.97 45.74
CA TYR A 274 7.69 -20.76 45.95
C TYR A 274 7.83 -21.60 47.22
N ASN A 275 6.88 -21.39 48.13
CA ASN A 275 6.99 -21.74 49.55
C ASN A 275 6.44 -23.13 49.86
N GLN A 276 5.36 -23.47 49.15
CA GLN A 276 4.61 -24.69 49.40
C GLN A 276 5.28 -25.91 48.76
N ASN A 277 4.62 -27.05 48.75
CA ASN A 277 5.35 -28.26 48.39
C ASN A 277 4.77 -29.07 47.24
N SER A 278 4.71 -28.45 46.06
CA SER A 278 4.42 -29.16 44.83
C SER A 278 5.69 -29.52 44.09
N LYS A 279 5.89 -30.81 43.88
CA LYS A 279 6.96 -31.37 43.04
C LYS A 279 7.07 -30.73 41.65
N TYR A 280 5.96 -30.15 41.16
CA TYR A 280 5.85 -29.81 39.75
C TYR A 280 6.23 -28.37 39.37
N ILE A 281 6.23 -27.47 40.34
CA ILE A 281 6.47 -26.06 40.05
C ILE A 281 7.56 -25.43 40.92
N ASN A 282 8.18 -24.37 40.39
CA ASN A 282 9.08 -23.50 41.14
C ASN A 282 9.18 -22.15 40.46
N TYR A 283 9.34 -21.10 41.25
CA TYR A 283 9.55 -19.74 40.76
C TYR A 283 10.05 -18.90 41.93
N ARG A 284 10.70 -17.79 41.60
CA ARG A 284 11.03 -16.73 42.56
C ARG A 284 9.89 -15.71 42.62
N ASP A 285 9.60 -15.21 43.82
CA ASP A 285 8.56 -14.18 43.97
C ASP A 285 8.89 -12.91 43.17
N LEU A 286 7.86 -12.26 42.64
CA LEU A 286 8.00 -11.06 41.82
C LEU A 286 7.48 -9.79 42.47
N TYR A 287 6.52 -9.93 43.37
CA TYR A 287 5.90 -8.75 43.99
C TYR A 287 6.63 -8.42 45.29
N ILE A 288 7.93 -8.18 45.18
CA ILE A 288 8.73 -7.89 46.36
C ILE A 288 9.73 -6.75 46.10
N GLY A 289 10.22 -6.12 47.17
CA GLY A 289 11.09 -4.97 47.04
C GLY A 289 10.29 -3.69 47.02
N GLU A 290 10.98 -2.56 46.88
CA GLU A 290 10.28 -1.29 46.92
C GLU A 290 9.33 -1.18 45.75
N LYS A 291 8.28 -0.41 45.98
CA LYS A 291 7.30 -0.12 44.97
C LYS A 291 7.70 1.17 44.28
N PHE A 292 8.17 1.05 43.05
CA PHE A 292 8.59 2.23 42.28
C PHE A 292 7.45 2.84 41.48
N ILE A 293 7.64 4.10 41.09
CA ILE A 293 6.68 4.77 40.23
C ILE A 293 7.43 5.77 39.36
N ILE A 294 7.08 5.81 38.07
CA ILE A 294 7.78 6.67 37.12
C ILE A 294 7.02 7.95 36.90
N ARG A 295 7.68 9.07 37.14
CA ARG A 295 7.05 10.37 36.96
C ARG A 295 7.63 11.10 35.77
N ARG A 296 6.78 11.83 35.09
CA ARG A 296 7.16 12.58 33.90
C ARG A 296 7.86 13.87 34.35
N LYS A 297 9.00 14.22 33.76
CA LYS A 297 9.64 15.50 34.09
C LYS A 297 9.10 16.67 33.27
N ASN A 304 -0.34 13.26 24.30
CA ASN A 304 -1.22 13.10 25.45
C ASN A 304 -1.65 11.68 25.82
N ASP A 305 -0.80 10.98 26.56
CA ASP A 305 -1.13 9.69 27.12
C ASP A 305 -0.15 9.45 28.22
N ASP A 306 -0.31 8.36 28.95
CA ASP A 306 0.55 8.09 30.09
C ASP A 306 1.65 7.08 29.72
N ILE A 307 2.00 7.01 28.44
CA ILE A 307 2.96 6.01 27.98
C ILE A 307 4.41 6.49 27.97
N VAL A 308 5.31 5.68 28.52
CA VAL A 308 6.73 6.04 28.59
C VAL A 308 7.46 5.68 27.30
N ARG A 309 8.04 6.68 26.65
CA ARG A 309 8.72 6.48 25.37
C ARG A 309 10.22 6.60 25.47
N LYS A 310 10.92 5.91 24.59
CA LYS A 310 12.37 5.97 24.53
C LYS A 310 12.81 7.43 24.46
N GLU A 311 13.84 7.76 25.22
CA GLU A 311 14.44 9.10 25.29
C GLU A 311 13.68 10.09 26.18
N ASP A 312 12.56 9.66 26.77
CA ASP A 312 11.84 10.50 27.72
C ASP A 312 12.71 10.85 28.94
N TYR A 313 12.51 12.05 29.49
CA TYR A 313 13.16 12.39 30.75
C TYR A 313 12.18 12.15 31.89
N ILE A 314 12.64 11.43 32.91
CA ILE A 314 11.78 10.96 34.00
C ILE A 314 12.40 11.16 35.37
N TYR A 315 11.56 11.08 36.39
CA TYR A 315 12.01 10.86 37.75
C TYR A 315 11.66 9.42 38.11
N LEU A 316 12.59 8.71 38.74
CA LEU A 316 12.29 7.39 39.27
C LEU A 316 11.99 7.54 40.76
N ASP A 317 10.73 7.38 41.11
CA ASP A 317 10.32 7.49 42.49
C ASP A 317 9.95 6.15 43.06
N PHE A 318 9.76 6.11 44.38
CA PHE A 318 9.29 4.90 45.04
C PHE A 318 8.60 5.32 46.33
N PHE A 319 7.78 4.45 46.88
CA PHE A 319 7.06 4.81 48.09
C PHE A 319 7.78 4.26 49.30
N ASN A 320 8.13 5.19 50.19
CA ASN A 320 8.71 4.79 51.45
C ASN A 320 7.63 4.98 52.48
N LEU A 321 6.94 3.89 52.79
CA LEU A 321 5.77 3.93 53.66
C LEU A 321 4.75 4.90 53.08
N ASN A 322 4.64 6.03 53.76
CA ASN A 322 3.71 7.08 53.40
C ASN A 322 4.15 8.00 52.26
N GLN A 323 5.46 8.23 52.18
CA GLN A 323 6.01 9.27 51.34
C GLN A 323 6.48 8.82 49.95
N GLU A 324 6.34 9.70 48.97
CA GLU A 324 6.94 9.41 47.67
C GLU A 324 8.39 9.95 47.68
N TRP A 325 9.35 9.04 47.66
CA TRP A 325 10.76 9.40 47.63
C TRP A 325 11.30 9.30 46.20
N ARG A 326 12.58 9.66 46.01
CA ARG A 326 13.17 9.78 44.68
C ARG A 326 14.54 9.13 44.63
N VAL A 327 14.93 8.66 43.44
CA VAL A 327 16.23 8.02 43.24
C VAL A 327 17.23 9.01 42.63
N TYR A 328 18.32 9.25 43.34
CA TYR A 328 19.34 10.21 42.91
C TYR A 328 20.69 9.56 42.70
N THR A 329 21.59 10.29 42.02
CA THR A 329 23.02 10.04 42.08
C THR A 329 23.71 11.29 42.54
N TYR A 330 24.64 11.11 43.45
CA TYR A 330 25.51 12.17 43.92
C TYR A 330 26.25 12.71 42.71
N LYS A 331 26.36 14.03 42.58
CA LYS A 331 27.02 14.67 41.45
C LYS A 331 28.52 14.35 41.35
N TYR A 332 29.18 14.14 42.49
CA TYR A 332 30.63 14.08 42.49
C TYR A 332 31.20 12.81 43.11
N PHE A 333 30.65 11.66 42.75
CA PHE A 333 31.16 10.40 43.28
C PHE A 333 32.52 10.13 42.64
N LYS A 334 33.40 9.49 43.41
CA LYS A 334 34.83 9.43 43.10
C LYS A 334 35.20 8.29 42.18
N LYS A 335 34.67 7.09 42.43
CA LYS A 335 35.06 5.91 41.66
C LYS A 335 34.18 5.69 40.42
N GLU A 336 34.30 4.52 39.81
CA GLU A 336 33.55 4.22 38.59
C GLU A 336 32.07 3.95 38.91
N GLU A 337 31.80 3.50 40.13
CA GLU A 337 30.45 3.18 40.59
C GLU A 337 30.20 3.79 41.97
N GLU A 338 28.93 4.06 42.26
CA GLU A 338 28.55 4.54 43.60
C GLU A 338 27.11 4.15 43.93
N LYS A 339 26.82 4.07 45.22
CA LYS A 339 25.47 3.82 45.71
C LYS A 339 24.56 4.97 45.29
N LEU A 340 23.34 4.64 44.86
CA LEU A 340 22.39 5.69 44.59
C LEU A 340 21.86 6.20 45.91
N PHE A 341 21.33 7.43 45.87
CA PHE A 341 20.81 8.13 47.04
C PHE A 341 19.31 8.05 46.96
N LEU A 342 18.70 7.39 47.93
CA LEU A 342 17.23 7.22 47.92
C LEU A 342 16.61 8.07 49.03
N ALA A 343 15.87 9.10 48.64
CA ALA A 343 15.57 10.19 49.57
C ALA A 343 14.30 10.95 49.18
N PRO A 344 13.76 11.77 50.11
CA PRO A 344 12.62 12.64 49.80
C PRO A 344 12.88 13.52 48.58
N ILE A 345 11.78 13.98 47.98
CA ILE A 345 11.86 14.83 46.81
C ILE A 345 12.46 16.20 47.17
N SER A 346 13.51 16.58 46.47
CA SER A 346 14.20 17.85 46.72
C SER A 346 14.90 18.38 45.47
N ASP A 347 15.20 19.67 45.47
CA ASP A 347 15.87 20.28 44.33
C ASP A 347 17.34 20.54 44.63
N SER A 348 17.87 19.76 45.59
CA SER A 348 19.28 19.82 45.99
C SER A 348 20.27 19.97 44.84
N ASP A 349 21.32 20.75 45.07
CA ASP A 349 22.33 21.02 44.06
C ASP A 349 23.55 20.11 44.17
N GLU A 350 23.48 19.13 45.06
CA GLU A 350 24.55 18.16 45.26
C GLU A 350 24.24 16.83 44.58
N PHE A 351 23.02 16.70 44.07
CA PHE A 351 22.56 15.45 43.45
C PHE A 351 21.90 15.70 42.10
N TYR A 352 22.10 14.77 41.17
CA TYR A 352 21.33 14.76 39.92
C TYR A 352 20.06 13.95 40.15
N ASN A 353 18.92 14.48 39.71
CA ASN A 353 17.66 13.76 39.87
C ASN A 353 17.02 13.35 38.55
N THR A 354 17.62 13.77 37.43
CA THR A 354 17.00 13.56 36.13
C THR A 354 17.56 12.32 35.42
N ILE A 355 16.65 11.45 35.01
CA ILE A 355 16.97 10.21 34.32
C ILE A 355 16.41 10.22 32.91
N GLN A 356 17.19 9.79 31.93
CA GLN A 356 16.64 9.57 30.61
C GLN A 356 16.46 8.08 30.41
N ILE A 357 15.25 7.68 30.02
CA ILE A 357 15.03 6.26 29.83
C ILE A 357 15.41 5.88 28.40
N LYS A 358 16.12 4.77 28.28
CA LYS A 358 16.76 4.39 27.02
C LYS A 358 16.38 2.99 26.58
N GLU A 359 16.54 2.73 25.29
CA GLU A 359 16.57 1.37 24.79
C GLU A 359 17.80 1.16 23.91
N TYR A 360 18.84 0.53 24.46
CA TYR A 360 20.06 0.32 23.68
C TYR A 360 20.00 -0.95 22.84
N ASP A 361 19.14 -1.90 23.22
CA ASP A 361 19.03 -3.14 22.48
C ASP A 361 18.30 -2.90 21.18
N GLU A 362 18.85 -3.36 20.07
CA GLU A 362 18.18 -3.26 18.77
C GLU A 362 17.19 -4.41 18.51
N GLN A 363 17.34 -5.51 19.23
CA GLN A 363 16.44 -6.67 19.11
C GLN A 363 15.29 -6.54 20.10
N PRO A 364 14.17 -7.24 19.85
CA PRO A 364 13.04 -7.14 20.79
C PRO A 364 13.43 -7.51 22.21
N THR A 365 12.96 -6.73 23.18
CA THR A 365 13.24 -7.00 24.57
C THR A 365 12.23 -6.27 25.42
N TYR A 366 12.05 -6.71 26.66
CA TYR A 366 11.25 -5.94 27.60
C TYR A 366 12.15 -5.19 28.60
N SER A 367 13.47 -5.34 28.45
CA SER A 367 14.43 -4.60 29.27
C SER A 367 14.57 -3.14 28.81
N CYS A 368 14.79 -2.22 29.75
CA CYS A 368 15.15 -0.85 29.40
C CYS A 368 16.35 -0.40 30.23
N GLN A 369 16.87 0.78 29.94
CA GLN A 369 18.05 1.24 30.68
C GLN A 369 17.82 2.66 31.13
N LEU A 370 18.53 3.05 32.20
CA LEU A 370 18.22 4.27 32.92
C LEU A 370 19.50 5.13 33.05
N LEU A 371 19.51 6.24 32.34
CA LEU A 371 20.70 7.10 32.17
C LEU A 371 20.61 8.41 32.93
N PHE A 372 21.59 8.68 33.78
CA PHE A 372 21.72 10.00 34.41
C PHE A 372 22.57 10.89 33.50
N LYS A 373 22.08 12.09 33.16
CA LYS A 373 22.92 13.09 32.48
C LYS A 373 22.99 14.38 33.30
N LYS A 374 24.06 15.16 33.13
CA LYS A 374 24.20 16.40 33.89
C LYS A 374 23.01 17.31 33.63
N ASP A 375 22.49 17.25 32.41
CA ASP A 375 21.44 18.15 31.99
C ASP A 375 20.79 17.64 30.69
N GLU A 376 19.53 18.01 30.48
CA GLU A 376 18.76 17.50 29.35
C GLU A 376 19.32 17.96 28.01
N GLU A 377 19.89 19.16 27.99
CA GLU A 377 20.43 19.71 26.75
C GLU A 377 21.93 19.42 26.68
N SER A 378 22.40 18.60 27.61
CA SER A 378 23.80 18.18 27.61
C SER A 378 23.93 16.75 27.10
N THR A 379 25.00 16.49 26.35
CA THR A 379 25.26 15.14 25.90
C THR A 379 26.24 14.48 26.86
N ASP A 380 26.45 15.12 28.01
CA ASP A 380 27.38 14.59 28.97
C ASP A 380 26.70 13.49 29.79
N GLU A 381 27.30 12.30 29.78
CA GLU A 381 26.72 11.16 30.47
C GLU A 381 27.42 10.90 31.80
N ILE A 382 26.60 10.82 32.85
CA ILE A 382 27.09 10.55 34.19
C ILE A 382 27.26 9.05 34.47
N GLY A 383 26.26 8.25 34.07
CA GLY A 383 26.35 6.81 34.27
C GLY A 383 24.98 6.16 34.11
N LEU A 384 24.94 4.84 34.14
CA LEU A 384 23.68 4.10 34.02
C LEU A 384 23.35 3.46 35.37
N ILE A 385 22.06 3.35 35.67
CA ILE A 385 21.64 2.71 36.90
C ILE A 385 21.84 1.20 36.75
N GLY A 386 22.37 0.58 37.79
CA GLY A 386 22.61 -0.85 37.77
C GLY A 386 22.73 -1.42 39.17
N ILE A 387 23.47 -2.51 39.28
CA ILE A 387 23.74 -3.12 40.57
C ILE A 387 25.24 -3.36 40.65
N HIS A 388 25.83 -3.09 41.81
CA HIS A 388 27.25 -3.30 41.99
C HIS A 388 27.56 -3.90 43.36
N ARG A 389 28.58 -4.74 43.38
CA ARG A 389 29.09 -5.39 44.58
C ARG A 389 30.04 -4.43 45.29
N PHE A 390 29.65 -3.91 46.45
CA PHE A 390 30.54 -3.00 47.17
C PHE A 390 31.18 -3.72 48.35
N TYR A 391 32.42 -3.38 48.65
CA TYR A 391 33.08 -3.92 49.84
C TYR A 391 33.08 -2.83 50.90
N GLU A 392 32.56 -3.12 52.08
CA GLU A 392 32.58 -2.13 53.16
C GLU A 392 32.94 -2.74 54.51
N PHE A 397 33.25 -6.67 61.07
CA PHE A 397 34.00 -7.18 59.92
C PHE A 397 33.65 -6.50 58.59
N GLU A 398 34.60 -6.51 57.68
CA GLU A 398 34.38 -6.09 56.32
C GLU A 398 33.69 -7.20 55.51
N GLU A 399 32.77 -6.84 54.64
CA GLU A 399 32.09 -7.83 53.80
C GLU A 399 31.73 -7.28 52.42
N TYR A 400 31.39 -8.19 51.50
CA TYR A 400 30.77 -7.79 50.24
C TYR A 400 29.25 -7.65 50.37
N LYS A 401 28.68 -6.69 49.64
CA LYS A 401 27.26 -6.44 49.69
C LYS A 401 26.80 -5.68 48.45
N ASP A 402 25.75 -6.17 47.80
CA ASP A 402 25.25 -5.54 46.58
C ASP A 402 24.39 -4.33 46.86
N TYR A 403 24.56 -3.30 46.02
CA TYR A 403 23.77 -2.10 46.17
C TYR A 403 23.21 -1.63 44.82
N PHE A 404 22.07 -0.99 44.91
CA PHE A 404 21.44 -0.22 43.84
C PHE A 404 22.41 0.93 43.52
N CYS A 405 22.98 0.94 42.33
CA CYS A 405 24.13 1.83 42.02
C CYS A 405 24.01 2.67 40.74
N ILE A 406 24.92 3.63 40.59
CA ILE A 406 25.19 4.21 39.28
C ILE A 406 26.56 3.72 38.85
N SER A 407 26.75 3.47 37.55
CA SER A 407 28.05 3.05 37.06
C SER A 407 28.41 3.66 35.72
N LYS A 408 29.65 4.14 35.62
CA LYS A 408 30.17 4.61 34.35
C LYS A 408 30.58 3.48 33.42
N TRP A 409 30.90 2.33 33.99
CA TRP A 409 31.35 1.19 33.18
C TRP A 409 30.29 0.80 32.14
N TYR A 410 29.02 0.87 32.52
CA TYR A 410 27.93 0.52 31.61
C TYR A 410 27.94 1.36 30.33
N LEU A 411 28.42 2.61 30.43
CA LEU A 411 28.31 3.56 29.33
C LEU A 411 28.94 3.06 28.03
N LYS A 412 30.03 2.31 28.13
CA LYS A 412 30.65 1.78 26.93
C LYS A 412 30.09 0.37 26.64
N GLU A 413 29.72 -0.34 27.70
CA GLU A 413 29.16 -1.69 27.57
C GLU A 413 27.93 -1.71 26.69
N VAL A 414 27.07 -0.70 26.83
CA VAL A 414 25.78 -0.71 26.16
C VAL A 414 25.88 -0.42 24.68
N LYS A 415 27.06 -0.09 24.17
CA LYS A 415 27.20 0.19 22.74
C LYS A 415 27.73 -1.01 21.97
N ARG A 416 28.03 -2.09 22.68
CA ARG A 416 28.58 -3.27 22.02
C ARG A 416 27.51 -4.10 21.34
N LYS A 417 27.82 -4.53 20.12
CA LYS A 417 26.92 -5.38 19.34
C LYS A 417 27.50 -6.79 19.22
N PRO A 418 26.66 -7.81 19.41
CA PRO A 418 25.24 -7.69 19.78
C PRO A 418 25.05 -7.26 21.23
N TYR A 419 23.87 -6.72 21.54
CA TYR A 419 23.63 -6.14 22.85
C TYR A 419 23.68 -7.23 23.92
N ASN A 420 24.26 -6.90 25.06
CA ASN A 420 24.41 -7.85 26.15
C ASN A 420 23.16 -7.84 27.05
N LEU A 421 22.27 -8.81 26.84
CA LEU A 421 21.00 -8.88 27.60
C LEU A 421 21.24 -9.01 29.09
N LYS A 422 22.44 -9.44 29.47
CA LYS A 422 22.71 -9.80 30.86
C LYS A 422 23.43 -8.70 31.64
N LEU A 423 23.64 -7.54 31.02
CA LEU A 423 24.19 -6.41 31.76
C LEU A 423 23.27 -6.01 32.91
N GLY A 424 23.87 -5.66 34.05
CA GLY A 424 23.11 -5.26 35.23
C GLY A 424 22.46 -3.89 35.10
N CYS A 425 22.62 -3.25 33.94
CA CYS A 425 21.91 -1.99 33.70
C CYS A 425 20.60 -2.25 32.93
N ASN A 426 20.27 -3.53 32.74
CA ASN A 426 19.02 -3.90 32.07
C ASN A 426 17.94 -4.15 33.09
N TRP A 427 16.95 -3.27 33.10
CA TRP A 427 15.86 -3.30 34.07
C TRP A 427 14.53 -3.65 33.44
N GLN A 428 13.67 -4.29 34.20
CA GLN A 428 12.28 -4.43 33.77
C GLN A 428 11.37 -4.11 34.94
N PHE A 429 10.20 -3.55 34.62
CA PHE A 429 9.24 -3.06 35.61
C PHE A 429 8.05 -4.00 35.71
N ILE A 430 7.75 -4.47 36.91
CA ILE A 430 6.71 -5.45 37.13
C ILE A 430 5.52 -4.85 37.86
N PRO A 431 4.40 -4.65 37.15
CA PRO A 431 3.18 -4.24 37.84
C PRO A 431 2.40 -5.44 38.35
N LYS A 432 1.55 -5.25 39.35
CA LYS A 432 0.60 -6.29 39.75
C LYS A 432 -0.22 -6.63 38.53
N ASP A 433 -0.43 -7.92 38.29
CA ASP A 433 -1.16 -8.39 37.13
C ASP A 433 -2.01 -9.59 37.52
N GLU A 434 -3.26 -9.63 37.08
CA GLU A 434 -4.17 -10.71 37.52
C GLU A 434 -3.71 -12.07 37.00
N GLY A 435 -2.81 -12.08 36.03
CA GLY A 435 -2.25 -13.31 35.49
C GLY A 435 -1.05 -13.88 36.21
N TRP A 436 -0.63 -13.22 37.29
CA TRP A 436 0.46 -13.72 38.12
C TRP A 436 0.08 -13.58 39.60
N THR A 437 -0.19 -14.70 40.26
CA THR A 437 -0.48 -14.69 41.69
C THR A 437 0.60 -15.48 42.37
N GLU A 438 0.93 -15.11 43.61
CA GLU A 438 1.97 -15.82 44.32
C GLU A 438 1.68 -15.78 45.84
N LEU B 8 -12.60 -6.51 -1.70
CA LEU B 8 -11.45 -5.60 -1.77
C LEU B 8 -10.29 -6.22 -2.56
N ASN B 9 -9.69 -7.26 -2.00
CA ASN B 9 -8.58 -7.97 -2.64
C ASN B 9 -9.10 -8.92 -3.71
N ASN B 10 -9.47 -8.36 -4.86
CA ASN B 10 -10.15 -9.15 -5.87
C ASN B 10 -9.38 -9.31 -7.17
N ILE B 11 -8.20 -8.72 -7.25
CA ILE B 11 -7.39 -8.86 -8.47
C ILE B 11 -6.63 -10.19 -8.41
N ILE B 12 -6.81 -11.04 -9.40
CA ILE B 12 -6.08 -12.32 -9.35
C ILE B 12 -4.99 -12.44 -10.38
N LEU B 13 -5.08 -11.69 -11.47
CA LEU B 13 -3.91 -11.52 -12.35
C LEU B 13 -3.82 -10.06 -12.72
N ASN B 14 -2.64 -9.49 -12.55
CA ASN B 14 -2.43 -8.09 -12.88
C ASN B 14 -1.18 -7.94 -13.72
N LEU B 15 -1.32 -8.19 -15.02
CA LEU B 15 -0.18 -8.15 -15.94
C LEU B 15 0.22 -6.72 -16.22
N ARG B 16 1.40 -6.31 -15.77
CA ARG B 16 1.89 -4.96 -16.00
C ARG B 16 3.35 -4.93 -16.46
N TYR B 17 3.72 -3.82 -17.07
CA TYR B 17 5.08 -3.60 -17.56
C TYR B 17 6.07 -3.27 -16.45
N LYS B 18 7.27 -3.87 -16.52
CA LYS B 18 8.41 -3.46 -15.71
C LYS B 18 9.72 -3.90 -16.40
N ASP B 19 10.65 -2.95 -16.55
CA ASP B 19 12.00 -3.22 -17.07
C ASP B 19 11.98 -4.03 -18.36
N ASN B 20 11.38 -3.47 -19.41
CA ASN B 20 11.24 -4.15 -20.69
C ASN B 20 10.73 -5.58 -20.60
N ASN B 21 9.73 -5.77 -19.75
CA ASN B 21 9.12 -7.09 -19.58
C ASN B 21 7.69 -6.91 -19.04
N LEU B 22 6.92 -7.99 -19.03
CA LEU B 22 5.62 -8.02 -18.33
C LEU B 22 5.67 -8.96 -17.15
N ILE B 23 5.14 -8.54 -16.01
CA ILE B 23 5.08 -9.36 -14.80
C ILE B 23 3.67 -9.35 -14.19
N ASP B 24 3.40 -10.32 -13.31
CA ASP B 24 2.13 -10.32 -12.59
C ASP B 24 2.29 -9.58 -11.26
N LEU B 25 1.52 -8.53 -11.05
CA LEU B 25 1.60 -7.77 -9.80
C LEU B 25 0.54 -8.21 -8.79
N SER B 26 -0.17 -9.30 -9.07
CA SER B 26 -1.27 -9.71 -8.19
C SER B 26 -0.75 -10.14 -6.82
N GLY B 27 0.48 -10.66 -6.80
CA GLY B 27 1.04 -11.21 -5.58
C GLY B 27 0.80 -12.69 -5.44
N TYR B 28 0.13 -13.30 -6.41
CA TYR B 28 -0.08 -14.74 -6.40
C TYR B 28 1.02 -15.43 -7.21
N GLY B 29 1.88 -14.61 -7.80
CA GLY B 29 3.07 -15.07 -8.48
C GLY B 29 2.87 -15.97 -9.69
N ALA B 30 1.95 -15.61 -10.56
CA ALA B 30 1.81 -16.38 -11.80
C ALA B 30 3.11 -16.25 -12.61
N LYS B 31 3.53 -17.31 -13.27
CA LYS B 31 4.72 -17.22 -14.09
C LYS B 31 4.36 -16.65 -15.45
N VAL B 32 5.03 -15.57 -15.81
CA VAL B 32 4.75 -14.88 -17.07
C VAL B 32 5.95 -14.98 -18.00
N GLU B 33 5.75 -15.62 -19.14
CA GLU B 33 6.82 -15.71 -20.15
C GLU B 33 6.45 -14.96 -21.42
N VAL B 34 7.05 -13.77 -21.59
CA VAL B 34 6.89 -12.97 -22.79
C VAL B 34 7.93 -13.38 -23.82
N TYR B 35 7.50 -14.04 -24.90
CA TYR B 35 8.43 -14.46 -25.95
C TYR B 35 8.84 -13.23 -26.76
N ASP B 36 9.95 -13.33 -27.47
CA ASP B 36 10.61 -12.17 -28.09
C ASP B 36 9.79 -11.50 -29.19
N GLY B 37 8.84 -12.22 -29.77
CA GLY B 37 8.02 -11.68 -30.84
C GLY B 37 6.96 -10.70 -30.38
N VAL B 38 6.82 -10.54 -29.07
CA VAL B 38 5.90 -9.54 -28.52
C VAL B 38 6.62 -8.22 -28.34
N GLU B 39 6.12 -7.18 -28.99
CA GLU B 39 6.67 -5.85 -28.79
C GLU B 39 6.06 -5.22 -27.54
N LEU B 40 6.89 -4.64 -26.70
CA LEU B 40 6.46 -3.96 -25.48
C LEU B 40 6.89 -2.52 -25.50
N ASN B 41 6.14 -1.66 -24.84
CA ASN B 41 6.65 -0.33 -24.57
C ASN B 41 6.25 0.12 -23.15
N ASP B 42 6.87 1.20 -22.67
CA ASP B 42 6.71 1.55 -21.25
C ASP B 42 5.40 2.31 -21.00
N LYS B 43 4.54 2.38 -22.02
CA LYS B 43 3.16 2.85 -21.82
C LYS B 43 2.24 1.66 -21.58
N ASN B 44 2.84 0.52 -21.24
CA ASN B 44 2.11 -0.71 -20.95
C ASN B 44 1.35 -1.30 -22.13
N GLN B 45 1.72 -0.90 -23.35
CA GLN B 45 1.09 -1.47 -24.52
C GLN B 45 1.90 -2.68 -25.01
N PHE B 46 1.23 -3.72 -25.48
CA PHE B 46 1.99 -4.82 -26.07
C PHE B 46 1.32 -5.30 -27.34
N LYS B 47 2.13 -5.73 -28.31
CA LYS B 47 1.65 -6.08 -29.65
C LYS B 47 1.74 -7.57 -29.94
N LEU B 48 0.62 -8.16 -30.32
CA LEU B 48 0.64 -9.54 -30.81
C LEU B 48 0.61 -9.54 -32.34
N THR B 49 1.58 -10.21 -32.95
CA THR B 49 1.65 -10.32 -34.41
C THR B 49 1.37 -11.72 -34.92
N SER B 50 1.56 -11.94 -36.22
CA SER B 50 1.36 -13.26 -36.83
C SER B 50 2.56 -14.20 -36.61
N SER B 51 3.66 -13.68 -36.09
CA SER B 51 4.87 -14.50 -36.01
C SER B 51 4.74 -15.51 -34.86
N ALA B 52 5.43 -16.64 -35.00
CA ALA B 52 5.24 -17.77 -34.08
C ALA B 52 5.75 -17.46 -32.66
N ASN B 53 6.78 -16.64 -32.56
CA ASN B 53 7.28 -16.27 -31.24
C ASN B 53 6.61 -15.04 -30.66
N SER B 54 5.48 -14.62 -31.24
CA SER B 54 4.70 -13.49 -30.69
C SER B 54 3.62 -14.05 -29.77
N LYS B 55 4.01 -14.40 -28.55
CA LYS B 55 3.07 -14.99 -27.63
C LYS B 55 3.53 -14.79 -26.19
N ILE B 56 2.56 -14.85 -25.29
CA ILE B 56 2.81 -14.76 -23.87
C ILE B 56 2.22 -15.99 -23.24
N ARG B 57 3.00 -16.69 -22.43
CA ARG B 57 2.52 -17.84 -21.68
C ARG B 57 2.44 -17.47 -20.22
N VAL B 58 1.25 -17.56 -19.67
CA VAL B 58 1.09 -17.33 -18.24
C VAL B 58 0.69 -18.63 -17.56
N THR B 59 1.51 -19.06 -16.60
CA THR B 59 1.17 -20.24 -15.82
C THR B 59 0.63 -19.79 -14.47
N GLN B 60 -0.61 -20.12 -14.18
CA GLN B 60 -1.21 -19.66 -12.94
C GLN B 60 -0.78 -20.47 -11.72
N ASN B 61 -0.88 -19.85 -10.55
CA ASN B 61 -0.72 -20.54 -9.27
C ASN B 61 -1.65 -21.74 -9.20
N GLN B 62 -1.12 -22.93 -9.02
CA GLN B 62 -1.95 -24.12 -9.11
C GLN B 62 -2.50 -24.58 -7.76
N ASN B 63 -2.25 -23.84 -6.70
CA ASN B 63 -2.74 -24.27 -5.38
C ASN B 63 -3.89 -23.41 -4.87
N ILE B 64 -4.38 -22.49 -5.69
CA ILE B 64 -5.51 -21.65 -5.30
C ILE B 64 -6.62 -21.77 -6.34
N ILE B 65 -7.83 -21.99 -5.86
CA ILE B 65 -9.02 -21.97 -6.72
C ILE B 65 -9.88 -20.79 -6.29
N PHE B 66 -10.12 -19.85 -7.19
CA PHE B 66 -10.80 -18.59 -6.87
C PHE B 66 -12.32 -18.58 -7.00
N ASN B 67 -12.84 -19.56 -7.73
CA ASN B 67 -14.27 -19.74 -7.86
C ASN B 67 -14.62 -21.18 -7.50
N SER B 68 -14.51 -21.52 -6.21
CA SER B 68 -14.56 -22.92 -5.83
C SER B 68 -15.98 -23.47 -5.85
N VAL B 69 -16.95 -22.59 -5.67
CA VAL B 69 -18.33 -23.03 -5.58
C VAL B 69 -19.19 -22.44 -6.70
N PHE B 70 -19.03 -21.15 -6.97
CA PHE B 70 -19.85 -20.53 -8.02
C PHE B 70 -19.05 -19.60 -8.90
N LEU B 71 -19.52 -19.45 -10.14
CA LEU B 71 -18.89 -18.58 -11.12
C LEU B 71 -19.02 -17.13 -10.71
N ASP B 72 -17.90 -16.43 -10.68
CA ASP B 72 -17.90 -15.09 -10.16
C ASP B 72 -16.58 -14.40 -10.49
N PHE B 73 -16.38 -14.00 -11.74
CA PHE B 73 -15.10 -13.39 -12.08
C PHE B 73 -15.22 -12.46 -13.28
N SER B 74 -14.23 -11.58 -13.41
CA SER B 74 -14.21 -10.57 -14.45
C SER B 74 -12.82 -10.47 -15.11
N VAL B 75 -12.81 -9.99 -16.35
CA VAL B 75 -11.57 -9.74 -17.10
C VAL B 75 -11.64 -8.33 -17.68
N SER B 76 -10.56 -7.57 -17.59
CA SER B 76 -10.54 -6.26 -18.25
C SER B 76 -9.21 -6.01 -18.96
N PHE B 77 -9.28 -5.18 -19.99
CA PHE B 77 -8.11 -4.84 -20.80
C PHE B 77 -8.48 -3.71 -21.75
N TRP B 78 -7.47 -2.99 -22.23
CA TRP B 78 -7.65 -2.06 -23.35
C TRP B 78 -7.16 -2.78 -24.60
N ILE B 79 -7.72 -2.43 -25.75
CA ILE B 79 -7.31 -3.07 -26.98
C ILE B 79 -7.37 -2.04 -28.12
N ARG B 80 -6.52 -2.21 -29.12
CA ARG B 80 -6.54 -1.38 -30.32
C ARG B 80 -6.41 -2.30 -31.53
N ILE B 81 -7.52 -2.42 -32.25
CA ILE B 81 -7.68 -3.38 -33.32
C ILE B 81 -7.64 -2.68 -34.67
N PRO B 82 -6.70 -3.06 -35.53
CA PRO B 82 -6.54 -2.33 -36.80
C PRO B 82 -7.76 -2.38 -37.71
N LYS B 83 -7.87 -1.35 -38.54
CA LYS B 83 -8.92 -1.30 -39.56
C LYS B 83 -8.77 -2.44 -40.56
N TYR B 84 -9.88 -2.97 -41.04
CA TYR B 84 -9.88 -3.89 -42.17
C TYR B 84 -9.01 -3.35 -43.33
N LYS B 85 -8.41 -4.25 -44.09
CA LYS B 85 -7.80 -3.83 -45.35
C LYS B 85 -8.90 -3.81 -46.41
N ASN B 86 -8.91 -2.77 -47.24
CA ASN B 86 -10.02 -2.61 -48.18
C ASN B 86 -10.17 -3.77 -49.17
N ASP B 87 -9.04 -4.35 -49.57
CA ASP B 87 -9.08 -5.48 -50.51
C ASP B 87 -9.14 -6.83 -49.80
N GLY B 88 -9.40 -6.82 -48.49
CA GLY B 88 -9.41 -8.05 -47.71
C GLY B 88 -10.59 -8.16 -46.78
N ILE B 89 -11.72 -7.59 -47.20
CA ILE B 89 -12.91 -7.53 -46.36
C ILE B 89 -13.50 -8.92 -46.12
N GLN B 90 -13.38 -9.80 -47.11
N GLN B 90 -13.36 -9.79 -47.11
CA GLN B 90 -13.91 -11.16 -46.99
CA GLN B 90 -13.89 -11.15 -47.01
C GLN B 90 -13.29 -11.92 -45.83
C GLN B 90 -13.29 -11.91 -45.84
N ASN B 91 -11.97 -11.87 -45.73
CA ASN B 91 -11.27 -12.51 -44.63
C ASN B 91 -11.62 -11.85 -43.29
N TYR B 92 -11.60 -10.52 -43.29
CA TYR B 92 -11.91 -9.73 -42.09
C TYR B 92 -13.28 -10.11 -41.53
N ILE B 93 -14.29 -10.11 -42.40
CA ILE B 93 -15.65 -10.42 -41.99
C ILE B 93 -15.79 -11.85 -41.48
N HIS B 94 -15.08 -12.80 -42.10
CA HIS B 94 -15.40 -14.20 -41.84
C HIS B 94 -14.43 -14.95 -40.93
N ASN B 95 -13.17 -14.54 -40.87
CA ASN B 95 -12.19 -15.33 -40.13
C ASN B 95 -12.07 -14.95 -38.66
N GLU B 96 -12.62 -15.78 -37.80
CA GLU B 96 -12.47 -15.61 -36.35
C GLU B 96 -11.10 -16.12 -35.90
N TYR B 97 -10.42 -15.35 -35.04
CA TYR B 97 -9.13 -15.78 -34.49
C TYR B 97 -9.08 -15.54 -32.99
N THR B 98 -8.54 -16.52 -32.27
CA THR B 98 -8.40 -16.38 -30.83
C THR B 98 -7.25 -15.40 -30.57
N ILE B 99 -7.37 -14.58 -29.53
CA ILE B 99 -6.24 -13.74 -29.13
C ILE B 99 -5.77 -14.07 -27.71
N ILE B 100 -6.69 -14.49 -26.84
CA ILE B 100 -6.32 -14.98 -25.51
C ILE B 100 -7.14 -16.21 -25.19
N ASN B 101 -6.44 -17.27 -24.78
CA ASN B 101 -7.04 -18.57 -24.56
C ASN B 101 -6.66 -19.14 -23.19
N CYS B 102 -7.64 -19.60 -22.42
CA CYS B 102 -7.37 -20.20 -21.11
C CYS B 102 -8.20 -21.47 -20.99
N MET B 103 -7.62 -22.58 -21.44
CA MET B 103 -8.34 -23.84 -21.52
C MET B 103 -7.56 -24.93 -20.83
N LYS B 104 -8.27 -25.86 -20.22
CA LYS B 104 -7.68 -27.07 -19.67
C LYS B 104 -8.71 -28.17 -19.76
N ASN B 105 -8.33 -29.29 -20.38
CA ASN B 105 -9.27 -30.40 -20.61
C ASN B 105 -10.55 -29.98 -21.34
N ASN B 106 -10.38 -29.18 -22.39
CA ASN B 106 -11.47 -28.77 -23.27
C ASN B 106 -12.56 -27.93 -22.58
N SER B 107 -12.17 -27.28 -21.49
CA SER B 107 -13.05 -26.36 -20.79
C SER B 107 -12.27 -25.10 -20.42
N GLY B 108 -12.95 -23.96 -20.31
CA GLY B 108 -12.31 -22.71 -19.95
C GLY B 108 -12.92 -21.49 -20.62
N TRP B 109 -12.11 -20.47 -20.88
CA TRP B 109 -12.61 -19.30 -21.56
C TRP B 109 -11.65 -18.88 -22.64
N LYS B 110 -12.14 -18.04 -23.56
CA LYS B 110 -11.28 -17.43 -24.56
C LYS B 110 -11.82 -16.08 -25.02
N ILE B 111 -10.90 -15.23 -25.46
CA ILE B 111 -11.25 -14.00 -26.11
C ILE B 111 -10.83 -14.10 -27.57
N SER B 112 -11.77 -13.88 -28.47
CA SER B 112 -11.46 -13.99 -29.89
C SER B 112 -12.00 -12.78 -30.63
N ILE B 113 -11.53 -12.59 -31.87
CA ILE B 113 -12.00 -11.48 -32.72
C ILE B 113 -12.45 -12.01 -34.08
N ARG B 114 -13.57 -11.51 -34.58
CA ARG B 114 -13.94 -11.77 -35.97
C ARG B 114 -14.31 -10.45 -36.60
N GLY B 115 -13.38 -9.89 -37.37
CA GLY B 115 -13.55 -8.58 -37.96
C GLY B 115 -13.79 -7.49 -36.93
N ASN B 116 -15.00 -6.93 -36.97
CA ASN B 116 -15.40 -5.82 -36.11
C ASN B 116 -16.12 -6.29 -34.85
N ARG B 117 -15.96 -7.57 -34.54
CA ARG B 117 -16.59 -8.15 -33.38
C ARG B 117 -15.55 -8.75 -32.44
N ILE B 118 -15.65 -8.41 -31.15
CA ILE B 118 -14.79 -9.02 -30.16
C ILE B 118 -15.67 -9.87 -29.26
N ILE B 119 -15.20 -11.08 -29.00
CA ILE B 119 -16.05 -12.15 -28.47
C ILE B 119 -15.48 -12.80 -27.21
N TRP B 120 -16.35 -12.99 -26.23
CA TRP B 120 -16.01 -13.71 -25.00
C TRP B 120 -16.73 -15.05 -25.03
N THR B 121 -16.02 -16.13 -24.75
CA THR B 121 -16.62 -17.45 -24.81
C THR B 121 -16.30 -18.28 -23.56
N LEU B 122 -17.32 -18.90 -22.99
CA LEU B 122 -17.14 -19.86 -21.90
C LEU B 122 -17.48 -21.25 -22.39
N ILE B 123 -16.70 -22.23 -21.96
CA ILE B 123 -16.95 -23.64 -22.26
C ILE B 123 -16.92 -24.47 -20.98
N ASP B 124 -18.03 -25.10 -20.61
CA ASP B 124 -18.03 -25.84 -19.37
C ASP B 124 -17.52 -27.26 -19.58
N ILE B 125 -17.46 -28.04 -18.51
CA ILE B 125 -16.93 -29.41 -18.54
C ILE B 125 -17.74 -30.39 -19.40
N ASN B 126 -18.97 -30.03 -19.74
CA ASN B 126 -19.81 -30.87 -20.60
C ASN B 126 -19.75 -30.42 -22.05
N GLY B 127 -18.98 -29.37 -22.32
CA GLY B 127 -18.83 -28.88 -23.67
C GLY B 127 -19.86 -27.83 -24.04
N LYS B 128 -20.70 -27.45 -23.07
CA LYS B 128 -21.68 -26.40 -23.34
C LYS B 128 -20.97 -25.06 -23.48
N THR B 129 -21.42 -24.27 -24.44
CA THR B 129 -20.73 -23.05 -24.84
C THR B 129 -21.66 -21.84 -24.81
N LYS B 130 -21.20 -20.73 -24.22
CA LYS B 130 -21.96 -19.49 -24.29
C LYS B 130 -21.03 -18.34 -24.64
N SER B 131 -21.54 -17.38 -25.39
CA SER B 131 -20.75 -16.22 -25.79
C SER B 131 -21.51 -14.92 -25.57
N VAL B 132 -20.76 -13.84 -25.40
CA VAL B 132 -21.30 -12.51 -25.45
C VAL B 132 -20.29 -11.70 -26.24
N PHE B 133 -20.75 -10.76 -27.05
CA PHE B 133 -19.82 -10.02 -27.91
C PHE B 133 -20.16 -8.56 -28.06
N PHE B 134 -19.18 -7.79 -28.51
CA PHE B 134 -19.36 -6.39 -28.87
C PHE B 134 -18.98 -6.23 -30.33
N GLU B 135 -19.91 -5.72 -31.12
CA GLU B 135 -19.66 -5.47 -32.53
C GLU B 135 -19.79 -4.00 -32.82
N TYR B 136 -18.75 -3.37 -33.37
CA TYR B 136 -18.85 -1.98 -33.75
C TYR B 136 -19.09 -1.83 -35.25
N ASN B 137 -19.83 -0.80 -35.61
CA ASN B 137 -20.21 -0.54 -36.98
C ASN B 137 -18.99 -0.25 -37.87
N ILE B 138 -19.00 -0.77 -39.09
CA ILE B 138 -17.93 -0.45 -40.03
C ILE B 138 -18.44 0.37 -41.23
N ARG B 139 -19.52 1.12 -41.04
CA ARG B 139 -20.03 1.96 -42.11
C ARG B 139 -20.15 3.43 -41.68
N GLU B 140 -19.64 3.75 -40.49
CA GLU B 140 -19.63 5.11 -39.95
C GLU B 140 -18.63 6.02 -40.65
N ASP B 141 -19.01 7.29 -40.84
CA ASP B 141 -18.08 8.28 -41.36
C ASP B 141 -16.82 8.38 -40.49
N ILE B 142 -17.03 8.45 -39.18
CA ILE B 142 -15.93 8.50 -38.22
C ILE B 142 -16.25 7.52 -37.11
N SER B 143 -15.41 6.52 -36.92
CA SER B 143 -15.67 5.49 -35.91
C SER B 143 -14.92 5.82 -34.63
N GLU B 144 -15.58 5.63 -33.49
CA GLU B 144 -14.94 5.78 -32.20
C GLU B 144 -14.08 4.57 -31.81
N TYR B 145 -14.23 3.47 -32.54
CA TYR B 145 -13.66 2.19 -32.14
C TYR B 145 -12.58 1.66 -33.08
N ILE B 146 -12.77 1.81 -34.39
CA ILE B 146 -11.85 1.22 -35.35
C ILE B 146 -10.43 1.78 -35.23
N ASN B 147 -9.50 0.89 -34.92
CA ASN B 147 -8.09 1.23 -34.71
C ASN B 147 -7.84 2.23 -33.58
N ARG B 148 -8.81 2.39 -32.69
CA ARG B 148 -8.63 3.31 -31.58
C ARG B 148 -8.65 2.56 -30.24
N TRP B 149 -7.82 2.99 -29.30
CA TRP B 149 -7.80 2.36 -27.97
C TRP B 149 -9.19 2.44 -27.35
N PHE B 150 -9.75 1.30 -26.93
CA PHE B 150 -10.95 1.32 -26.08
C PHE B 150 -10.85 0.25 -25.00
N PHE B 151 -11.70 0.41 -23.99
CA PHE B 151 -11.63 -0.34 -22.74
C PHE B 151 -12.68 -1.44 -22.68
N VAL B 152 -12.24 -2.68 -22.49
CA VAL B 152 -13.16 -3.80 -22.41
C VAL B 152 -13.23 -4.31 -20.97
N THR B 153 -14.42 -4.62 -20.49
CA THR B 153 -14.55 -5.38 -19.26
C THR B 153 -15.60 -6.45 -19.45
N ILE B 154 -15.28 -7.67 -19.08
CA ILE B 154 -16.21 -8.77 -19.16
C ILE B 154 -16.49 -9.23 -17.76
N THR B 155 -17.76 -9.44 -17.40
CA THR B 155 -18.04 -9.97 -16.07
C THR B 155 -18.91 -11.21 -16.18
N ASN B 156 -18.76 -12.11 -15.22
CA ASN B 156 -19.48 -13.37 -15.21
C ASN B 156 -20.02 -13.67 -13.82
N ASN B 157 -21.31 -14.01 -13.71
CA ASN B 157 -21.77 -14.67 -12.48
C ASN B 157 -22.62 -15.86 -12.84
N LEU B 158 -23.40 -16.32 -11.87
CA LEU B 158 -24.29 -17.46 -12.04
C LEU B 158 -25.25 -17.29 -13.22
N ASN B 159 -25.69 -16.06 -13.46
CA ASN B 159 -26.74 -15.80 -14.44
C ASN B 159 -26.30 -15.14 -15.75
N ASN B 160 -25.30 -14.27 -15.67
CA ASN B 160 -24.96 -13.41 -16.78
C ASN B 160 -23.49 -13.34 -17.17
N ALA B 161 -23.23 -13.22 -18.47
CA ALA B 161 -21.94 -12.78 -18.99
C ALA B 161 -22.17 -11.47 -19.70
N LYS B 162 -21.54 -10.43 -19.20
CA LYS B 162 -21.76 -9.08 -19.72
C LYS B 162 -20.50 -8.52 -20.35
N ILE B 163 -20.65 -7.76 -21.43
CA ILE B 163 -19.51 -7.01 -21.90
C ILE B 163 -19.80 -5.53 -21.79
N TYR B 164 -18.85 -4.83 -21.20
CA TYR B 164 -18.87 -3.40 -21.07
C TYR B 164 -17.82 -2.79 -21.99
N ILE B 165 -18.15 -1.66 -22.60
CA ILE B 165 -17.18 -0.94 -23.42
C ILE B 165 -17.09 0.49 -22.93
N ASN B 166 -15.88 0.91 -22.60
CA ASN B 166 -15.62 2.23 -22.05
C ASN B 166 -16.57 2.50 -20.87
N GLY B 167 -16.77 1.48 -20.06
CA GLY B 167 -17.52 1.64 -18.83
C GLY B 167 -19.02 1.47 -19.00
N LYS B 168 -19.50 1.30 -20.22
CA LYS B 168 -20.94 1.22 -20.41
C LYS B 168 -21.39 -0.18 -20.86
N LEU B 169 -22.47 -0.67 -20.28
CA LEU B 169 -22.94 -2.01 -20.61
C LEU B 169 -23.34 -2.07 -22.09
N GLU B 170 -22.76 -3.01 -22.85
CA GLU B 170 -23.08 -3.14 -24.27
C GLU B 170 -24.00 -4.32 -24.54
N SER B 171 -23.75 -5.44 -23.88
CA SER B 171 -24.47 -6.68 -24.16
C SER B 171 -24.44 -7.67 -22.99
N ASN B 172 -25.40 -8.58 -22.97
CA ASN B 172 -25.56 -9.57 -21.90
C ASN B 172 -26.06 -10.90 -22.44
N THR B 173 -25.47 -11.97 -21.93
CA THR B 173 -25.89 -13.33 -22.32
C THR B 173 -26.29 -14.13 -21.08
N ASP B 174 -27.45 -14.77 -21.15
CA ASP B 174 -27.93 -15.63 -20.09
C ASP B 174 -27.03 -16.88 -20.06
N ILE B 175 -26.37 -17.12 -18.95
CA ILE B 175 -25.52 -18.29 -18.85
C ILE B 175 -25.92 -19.17 -17.67
N LYS B 176 -27.21 -19.24 -17.35
CA LYS B 176 -27.64 -20.09 -16.24
C LYS B 176 -27.34 -21.55 -16.54
N ASP B 177 -27.32 -21.91 -17.82
CA ASP B 177 -27.21 -23.31 -18.20
C ASP B 177 -25.78 -23.83 -18.25
N ILE B 178 -24.80 -22.95 -18.15
CA ILE B 178 -23.44 -23.48 -18.16
C ILE B 178 -23.11 -23.92 -16.75
N ARG B 179 -22.34 -25.00 -16.66
CA ARG B 179 -21.98 -25.61 -15.40
C ARG B 179 -20.55 -25.23 -15.11
N GLU B 180 -19.80 -26.12 -14.47
CA GLU B 180 -18.46 -25.79 -14.05
C GLU B 180 -17.57 -25.46 -15.24
N VAL B 181 -16.83 -24.36 -15.13
CA VAL B 181 -15.83 -24.05 -16.14
C VAL B 181 -14.43 -24.12 -15.52
N ILE B 182 -13.58 -24.94 -16.12
CA ILE B 182 -12.24 -25.12 -15.61
C ILE B 182 -11.46 -23.83 -15.82
N ALA B 183 -10.91 -23.28 -14.74
CA ALA B 183 -10.35 -21.93 -14.78
C ALA B 183 -8.84 -21.87 -14.59
N ASN B 184 -8.21 -23.01 -14.32
CA ASN B 184 -6.80 -22.99 -13.93
C ASN B 184 -5.80 -23.29 -15.06
N GLY B 185 -6.27 -23.38 -16.29
CA GLY B 185 -5.38 -23.61 -17.43
C GLY B 185 -4.36 -22.51 -17.61
N GLU B 186 -3.36 -22.77 -18.45
CA GLU B 186 -2.42 -21.73 -18.84
C GLU B 186 -3.18 -20.65 -19.61
N ILE B 187 -2.72 -19.40 -19.48
CA ILE B 187 -3.33 -18.31 -20.23
C ILE B 187 -2.37 -17.95 -21.33
N ILE B 188 -2.79 -18.19 -22.57
CA ILE B 188 -1.94 -17.98 -23.72
C ILE B 188 -2.39 -16.75 -24.52
N PHE B 189 -1.53 -15.73 -24.56
CA PHE B 189 -1.73 -14.54 -25.34
C PHE B 189 -1.07 -14.77 -26.70
N LYS B 190 -1.87 -14.94 -27.74
CA LYS B 190 -1.33 -15.26 -29.07
C LYS B 190 -2.41 -15.23 -30.13
N LEU B 191 -2.11 -14.66 -31.29
CA LEU B 191 -3.03 -14.73 -32.42
C LEU B 191 -3.10 -16.17 -32.90
N ASP B 192 -4.30 -16.70 -32.96
CA ASP B 192 -4.52 -18.11 -33.23
C ASP B 192 -5.75 -18.30 -34.11
N GLY B 193 -5.51 -18.57 -35.37
CA GLY B 193 -6.58 -18.71 -36.33
C GLY B 193 -6.01 -18.45 -37.70
N ASP B 194 -6.89 -18.40 -38.68
CA ASP B 194 -6.50 -18.19 -40.07
C ASP B 194 -6.36 -16.68 -40.34
N ILE B 195 -5.26 -16.09 -39.87
CA ILE B 195 -5.07 -14.65 -39.95
C ILE B 195 -4.12 -14.29 -41.09
N ASP B 196 -4.25 -13.07 -41.61
CA ASP B 196 -3.27 -12.57 -42.57
C ASP B 196 -1.93 -12.39 -41.88
N ARG B 197 -0.86 -12.53 -42.66
CA ARG B 197 0.50 -12.30 -42.21
C ARG B 197 0.66 -10.95 -41.52
N THR B 198 -0.07 -9.97 -42.01
CA THR B 198 0.04 -8.61 -41.52
C THR B 198 -0.85 -8.33 -40.30
N GLN B 199 -1.67 -9.29 -39.90
CA GLN B 199 -2.57 -9.11 -38.77
C GLN B 199 -1.82 -8.88 -37.45
N PHE B 200 -2.32 -7.94 -36.65
CA PHE B 200 -1.83 -7.72 -35.30
C PHE B 200 -2.92 -7.16 -34.41
N ILE B 201 -2.66 -7.17 -33.12
CA ILE B 201 -3.51 -6.62 -32.08
C ILE B 201 -2.60 -5.91 -31.07
N TRP B 202 -2.99 -4.72 -30.60
CA TRP B 202 -2.33 -4.10 -29.46
C TRP B 202 -3.22 -4.24 -28.23
N MET B 203 -2.64 -4.50 -27.06
CA MET B 203 -3.45 -4.57 -25.83
C MET B 203 -2.74 -3.86 -24.70
N LYS B 204 -3.46 -3.63 -23.60
CA LYS B 204 -2.85 -2.91 -22.48
C LYS B 204 -3.62 -3.17 -21.17
N TYR B 205 -2.87 -3.28 -20.07
CA TYR B 205 -3.48 -3.43 -18.75
C TYR B 205 -4.40 -4.64 -18.62
N PHE B 206 -3.95 -5.83 -19.03
CA PHE B 206 -4.80 -7.00 -18.92
C PHE B 206 -4.88 -7.47 -17.46
N SER B 207 -6.08 -7.69 -16.96
CA SER B 207 -6.28 -8.02 -15.54
C SER B 207 -7.40 -9.03 -15.41
N ILE B 208 -7.30 -9.91 -14.42
CA ILE B 208 -8.40 -10.81 -14.10
C ILE B 208 -8.77 -10.58 -12.63
N PHE B 209 -10.06 -10.59 -12.36
CA PHE B 209 -10.61 -10.31 -11.03
C PHE B 209 -11.46 -11.48 -10.56
N ASN B 210 -11.46 -11.76 -9.26
CA ASN B 210 -12.18 -12.93 -8.77
C ASN B 210 -13.60 -12.66 -8.28
N THR B 211 -14.20 -11.57 -8.75
CA THR B 211 -15.61 -11.30 -8.50
C THR B 211 -16.24 -10.67 -9.77
N GLU B 212 -17.58 -10.65 -9.82
CA GLU B 212 -18.31 -9.93 -10.87
C GLU B 212 -18.26 -8.43 -10.57
N LEU B 213 -17.48 -7.68 -11.32
CA LEU B 213 -17.37 -6.24 -11.07
C LEU B 213 -18.68 -5.52 -11.40
N SER B 214 -19.02 -4.52 -10.59
CA SER B 214 -20.20 -3.69 -10.83
C SER B 214 -19.93 -2.65 -11.91
N GLN B 215 -20.98 -2.17 -12.57
N GLN B 215 -20.98 -2.17 -12.57
CA GLN B 215 -20.81 -1.12 -13.57
CA GLN B 215 -20.83 -1.12 -13.58
C GLN B 215 -20.08 0.08 -12.97
C GLN B 215 -20.15 0.11 -12.99
N SER B 216 -20.46 0.39 -11.73
CA SER B 216 -19.91 1.52 -11.02
C SER B 216 -18.41 1.37 -10.84
N ASN B 217 -18.00 0.17 -10.46
CA ASN B 217 -16.60 -0.14 -10.31
C ASN B 217 -15.89 -0.09 -11.67
N ILE B 218 -16.57 -0.60 -12.70
CA ILE B 218 -15.94 -0.62 -14.04
C ILE B 218 -15.71 0.82 -14.54
N GLU B 219 -16.70 1.68 -14.34
CA GLU B 219 -16.58 3.08 -14.76
CA GLU B 219 -16.59 3.07 -14.74
C GLU B 219 -15.47 3.80 -14.00
N GLU B 220 -15.29 3.48 -12.73
CA GLU B 220 -14.22 4.10 -11.96
C GLU B 220 -12.86 3.66 -12.52
N ARG B 221 -12.72 2.39 -12.86
CA ARG B 221 -11.47 1.88 -13.42
C ARG B 221 -11.21 2.45 -14.80
N TYR B 222 -12.27 2.57 -15.59
CA TYR B 222 -12.19 3.23 -16.90
C TYR B 222 -11.56 4.61 -16.73
N LYS B 223 -12.07 5.40 -15.80
CA LYS B 223 -11.56 6.76 -15.61
C LYS B 223 -10.13 6.75 -15.10
N ILE B 224 -9.86 5.90 -14.11
CA ILE B 224 -8.52 5.83 -13.54
C ILE B 224 -7.50 5.40 -14.60
N GLN B 225 -7.84 4.40 -15.40
CA GLN B 225 -6.88 3.91 -16.40
C GLN B 225 -6.73 4.83 -17.61
N SER B 226 -7.68 5.73 -17.81
CA SER B 226 -7.60 6.76 -18.88
C SER B 226 -6.74 7.96 -18.49
N TYR B 227 -6.68 8.25 -17.19
CA TYR B 227 -6.08 9.51 -16.75
C TYR B 227 -4.62 9.62 -17.14
N SER B 228 -4.25 10.78 -17.69
CA SER B 228 -2.85 11.08 -17.98
C SER B 228 -2.64 12.57 -17.84
N GLU B 229 -1.41 12.98 -17.52
CA GLU B 229 -1.10 14.39 -17.45
C GLU B 229 -0.92 14.92 -18.87
N TYR B 230 -0.81 14.01 -19.82
CA TYR B 230 -0.61 14.37 -21.22
C TYR B 230 -1.87 14.16 -21.98
N LEU B 231 -1.88 14.79 -23.13
CA LEU B 231 -2.97 14.71 -24.04
C LEU B 231 -2.76 13.48 -24.91
N LYS B 232 -3.80 13.07 -25.62
CA LYS B 232 -3.70 11.91 -26.49
C LYS B 232 -3.96 12.28 -27.94
N ASP B 233 -3.55 11.42 -28.87
CA ASP B 233 -3.92 11.64 -30.26
C ASP B 233 -5.22 10.91 -30.57
N PHE B 234 -5.62 10.99 -31.83
CA PHE B 234 -6.88 10.42 -32.29
C PHE B 234 -7.01 8.91 -32.02
N TRP B 235 -5.88 8.21 -32.04
CA TRP B 235 -5.88 6.76 -31.85
C TRP B 235 -5.88 6.40 -30.37
N GLY B 236 -5.58 7.39 -29.53
CA GLY B 236 -5.56 7.16 -28.09
C GLY B 236 -4.14 7.05 -27.52
N ASN B 237 -3.14 7.16 -28.38
CA ASN B 237 -1.74 7.16 -27.92
C ASN B 237 -1.37 8.54 -27.37
N PRO B 238 -0.26 8.64 -26.62
CA PRO B 238 0.15 9.95 -26.10
C PRO B 238 0.43 10.94 -27.23
N LEU B 239 -0.05 12.18 -27.09
CA LEU B 239 0.24 13.24 -28.04
C LEU B 239 1.71 13.65 -27.97
N MET B 240 2.34 13.82 -29.13
CA MET B 240 3.78 14.07 -29.18
C MET B 240 4.12 15.39 -29.87
N TYR B 241 5.18 16.02 -29.38
CA TYR B 241 5.79 17.12 -30.10
C TYR B 241 6.55 16.59 -31.30
N ASN B 242 6.76 17.46 -32.29
CA ASN B 242 7.62 17.15 -33.43
C ASN B 242 7.17 15.91 -34.19
N LYS B 243 5.86 15.69 -34.24
CA LYS B 243 5.26 14.55 -34.92
C LYS B 243 4.13 15.01 -35.85
N GLU B 244 4.18 14.60 -37.11
CA GLU B 244 3.19 15.07 -38.08
C GLU B 244 1.78 14.54 -37.82
N TYR B 245 0.81 15.46 -37.83
CA TYR B 245 -0.60 15.16 -37.56
C TYR B 245 -1.54 15.87 -38.53
N TYR B 246 -2.54 15.15 -38.99
CA TYR B 246 -3.70 15.78 -39.60
C TYR B 246 -4.62 16.21 -38.46
N MET B 247 -5.53 17.13 -38.71
CA MET B 247 -6.40 17.58 -37.63
C MET B 247 -7.86 17.22 -37.89
N PHE B 248 -8.50 16.75 -36.83
CA PHE B 248 -9.87 16.33 -36.85
C PHE B 248 -10.65 17.24 -35.90
N ASN B 249 -11.86 17.63 -36.30
CA ASN B 249 -12.71 18.49 -35.46
C ASN B 249 -13.95 17.75 -34.99
N ALA B 250 -14.10 17.58 -33.68
CA ALA B 250 -15.18 16.75 -33.15
C ALA B 250 -16.56 17.39 -33.38
N GLY B 251 -16.60 18.69 -33.59
CA GLY B 251 -17.87 19.35 -33.84
C GLY B 251 -18.18 19.45 -35.33
N ASN B 252 -17.17 19.21 -36.14
CA ASN B 252 -17.31 19.21 -37.59
C ASN B 252 -16.61 17.99 -38.16
N LYS B 253 -17.21 16.82 -37.94
CA LYS B 253 -16.55 15.54 -38.16
C LYS B 253 -16.02 15.36 -39.58
N ASN B 254 -16.84 15.71 -40.57
CA ASN B 254 -16.44 15.49 -41.96
C ASN B 254 -15.71 16.65 -42.58
N SER B 255 -15.17 17.53 -41.76
CA SER B 255 -14.48 18.72 -42.23
C SER B 255 -12.99 18.64 -41.98
N TYR B 256 -12.21 19.20 -42.90
CA TYR B 256 -10.77 19.28 -42.69
C TYR B 256 -10.22 20.62 -43.10
N ILE B 257 -9.02 20.92 -42.65
CA ILE B 257 -8.40 22.21 -42.86
C ILE B 257 -7.45 22.17 -44.06
N LYS B 258 -7.58 23.16 -44.94
CA LYS B 258 -6.68 23.33 -46.08
C LYS B 258 -6.31 24.79 -46.29
N LEU B 259 -5.04 25.04 -46.58
CA LEU B 259 -4.59 26.38 -46.91
C LEU B 259 -5.37 26.90 -48.12
N LYS B 260 -5.97 28.08 -47.98
CA LYS B 260 -6.72 28.71 -49.06
C LYS B 260 -5.78 29.10 -50.21
N LYS B 261 -6.27 28.97 -51.43
CA LYS B 261 -5.53 29.41 -52.62
C LYS B 261 -5.13 30.87 -52.52
N ASP B 262 -3.83 31.12 -52.49
CA ASP B 262 -3.27 32.47 -52.51
C ASP B 262 -3.77 33.35 -51.38
N SER B 263 -4.03 32.76 -50.22
CA SER B 263 -4.44 33.52 -49.04
C SER B 263 -3.94 32.83 -47.77
N PRO B 264 -3.42 33.61 -46.81
CA PRO B 264 -2.79 33.04 -45.62
C PRO B 264 -3.79 32.73 -44.51
N VAL B 265 -4.88 32.05 -44.88
CA VAL B 265 -5.88 31.60 -43.92
C VAL B 265 -6.21 30.13 -44.23
N GLY B 266 -6.89 29.46 -43.30
CA GLY B 266 -7.27 28.08 -43.51
C GLY B 266 -8.74 27.89 -43.84
N GLU B 267 -9.04 27.45 -45.05
CA GLU B 267 -10.43 27.14 -45.42
C GLU B 267 -10.81 25.73 -44.96
N ILE B 268 -12.11 25.50 -44.83
CA ILE B 268 -12.62 24.21 -44.40
C ILE B 268 -13.30 23.49 -45.56
N LEU B 269 -12.86 22.26 -45.82
CA LEU B 269 -13.41 21.45 -46.91
C LEU B 269 -14.00 20.17 -46.36
N THR B 270 -14.79 19.48 -47.19
CA THR B 270 -15.44 18.25 -46.77
C THR B 270 -14.61 17.00 -47.12
N ARG B 271 -14.43 16.12 -46.14
CA ARG B 271 -13.64 14.90 -46.33
C ARG B 271 -14.18 14.02 -47.44
N SER B 272 -13.29 13.50 -48.28
CA SER B 272 -13.64 12.44 -49.21
C SER B 272 -14.02 11.16 -48.45
N LYS B 273 -14.71 10.25 -49.12
CA LYS B 273 -15.13 9.01 -48.46
C LYS B 273 -14.62 7.80 -49.23
N TYR B 274 -14.82 6.62 -48.65
CA TYR B 274 -14.45 5.34 -49.25
C TYR B 274 -14.93 5.25 -50.70
N ASN B 275 -13.99 4.96 -51.60
CA ASN B 275 -14.13 5.15 -53.05
C ASN B 275 -14.69 3.92 -53.76
N GLN B 276 -14.29 2.74 -53.31
CA GLN B 276 -14.62 1.50 -54.01
C GLN B 276 -16.03 1.05 -53.70
N ASN B 277 -16.37 -0.17 -54.09
CA ASN B 277 -17.76 -0.61 -54.03
C ASN B 277 -17.96 -1.89 -53.24
N SER B 278 -17.63 -1.84 -51.96
CA SER B 278 -18.00 -2.91 -51.04
C SER B 278 -19.28 -2.54 -50.30
N LYS B 279 -20.30 -3.38 -50.46
CA LYS B 279 -21.55 -3.28 -49.71
C LYS B 279 -21.36 -3.16 -48.19
N TYR B 280 -20.24 -3.67 -47.68
CA TYR B 280 -20.13 -3.94 -46.25
C TYR B 280 -19.49 -2.82 -45.43
N ILE B 281 -18.72 -1.95 -46.08
CA ILE B 281 -17.95 -0.93 -45.37
C ILE B 281 -18.13 0.49 -45.88
N ASN B 282 -17.90 1.45 -44.99
CA ASN B 282 -17.83 2.87 -45.36
C ASN B 282 -17.06 3.68 -44.32
N TYR B 283 -16.35 4.71 -44.79
CA TYR B 283 -15.65 5.62 -43.89
C TYR B 283 -15.29 6.91 -44.62
N ARG B 284 -15.06 7.98 -43.85
CA ARG B 284 -14.46 9.19 -44.39
C ARG B 284 -12.95 9.07 -44.25
N ASP B 285 -12.22 9.59 -45.25
CA ASP B 285 -10.77 9.60 -45.22
C ASP B 285 -10.24 10.44 -44.06
N LEU B 286 -9.11 10.02 -43.49
CA LEU B 286 -8.51 10.69 -42.33
C LEU B 286 -7.18 11.35 -42.66
N TYR B 287 -6.48 10.83 -43.66
CA TYR B 287 -5.16 11.36 -43.97
C TYR B 287 -5.26 12.46 -45.02
N ILE B 288 -6.01 13.51 -44.72
CA ILE B 288 -6.18 14.61 -45.67
C ILE B 288 -6.14 15.97 -44.97
N GLY B 289 -5.92 17.03 -45.74
CA GLY B 289 -5.74 18.34 -45.16
C GLY B 289 -4.29 18.60 -44.84
N GLU B 290 -4.01 19.76 -44.27
CA GLU B 290 -2.62 20.14 -44.03
C GLU B 290 -2.00 19.20 -43.02
N LYS B 291 -0.68 19.04 -43.12
CA LYS B 291 0.11 18.26 -42.21
C LYS B 291 0.61 19.19 -41.12
N PHE B 292 0.04 19.07 -39.92
CA PHE B 292 0.43 19.93 -38.81
C PHE B 292 1.55 19.30 -38.01
N ILE B 293 2.24 20.13 -37.23
CA ILE B 293 3.27 19.63 -36.34
C ILE B 293 3.34 20.57 -35.13
N ILE B 294 3.47 19.97 -33.95
CA ILE B 294 3.42 20.72 -32.70
C ILE B 294 4.83 20.97 -32.20
N ARG B 295 5.17 22.23 -31.97
CA ARG B 295 6.49 22.58 -31.48
C ARG B 295 6.43 23.09 -30.05
N ARG B 296 7.44 22.74 -29.27
CA ARG B 296 7.51 23.16 -27.88
C ARG B 296 8.02 24.59 -27.81
N LYS B 297 7.38 25.43 -27.02
CA LYS B 297 7.94 26.75 -26.81
C LYS B 297 9.02 26.59 -25.75
N SER B 298 10.26 26.55 -26.23
CA SER B 298 11.45 26.08 -25.49
C SER B 298 11.44 26.30 -23.98
N ASN B 299 11.72 25.24 -23.24
CA ASN B 299 11.83 25.30 -21.79
C ASN B 299 12.48 24.05 -21.21
N ASP B 305 11.37 14.32 -22.31
CA ASP B 305 10.72 13.59 -23.39
C ASP B 305 9.99 14.50 -24.39
N ASP B 306 9.36 13.89 -25.39
CA ASP B 306 8.65 14.65 -26.43
C ASP B 306 7.13 14.59 -26.27
N ILE B 307 6.65 14.37 -25.04
CA ILE B 307 5.21 14.23 -24.80
C ILE B 307 4.54 15.58 -24.47
N VAL B 308 3.40 15.84 -25.10
CA VAL B 308 2.67 17.08 -24.87
C VAL B 308 1.74 16.95 -23.67
N ARG B 309 1.94 17.82 -22.69
CA ARG B 309 1.18 17.73 -21.45
C ARG B 309 0.19 18.87 -21.36
N LYS B 310 -0.92 18.64 -20.67
CA LYS B 310 -1.91 19.68 -20.44
C LYS B 310 -1.22 20.91 -19.86
N GLU B 311 -1.63 22.09 -20.32
CA GLU B 311 -1.14 23.41 -19.87
C GLU B 311 0.21 23.78 -20.50
N ASP B 312 0.77 22.90 -21.33
CA ASP B 312 1.98 23.23 -22.09
C ASP B 312 1.77 24.41 -23.03
N TYR B 313 2.79 25.23 -23.19
CA TYR B 313 2.76 26.30 -24.19
C TYR B 313 3.45 25.84 -25.46
N ILE B 314 2.77 26.03 -26.59
CA ILE B 314 3.20 25.45 -27.86
C ILE B 314 3.11 26.40 -29.05
N TYR B 315 3.77 26.01 -30.14
CA TYR B 315 3.46 26.58 -31.44
C TYR B 315 2.79 25.50 -32.28
N LEU B 316 1.70 25.87 -32.96
CA LEU B 316 1.07 24.94 -33.89
C LEU B 316 1.55 25.30 -35.28
N ASP B 317 2.39 24.43 -35.84
CA ASP B 317 2.94 24.67 -37.17
C ASP B 317 2.34 23.69 -38.18
N PHE B 318 2.60 23.92 -39.45
CA PHE B 318 2.18 23.00 -40.50
C PHE B 318 3.11 23.15 -41.70
N PHE B 319 3.14 22.16 -42.57
CA PHE B 319 4.03 22.22 -43.72
C PHE B 319 3.33 22.71 -44.98
N ASN B 320 3.87 23.81 -45.50
CA ASN B 320 3.42 24.39 -46.75
C ASN B 320 4.47 24.03 -47.78
N LEU B 321 4.17 22.99 -48.57
CA LEU B 321 5.16 22.33 -49.42
C LEU B 321 6.27 21.88 -48.49
N ASN B 322 7.47 22.43 -48.61
CA ASN B 322 8.50 22.02 -47.67
C ASN B 322 8.57 22.95 -46.46
N GLN B 323 8.08 24.18 -46.57
CA GLN B 323 8.38 25.13 -45.51
C GLN B 323 7.44 24.92 -44.34
N GLU B 324 7.99 25.07 -43.14
CA GLU B 324 7.19 24.98 -41.93
C GLU B 324 6.63 26.35 -41.58
N TRP B 325 5.32 26.48 -41.74
CA TRP B 325 4.62 27.70 -41.40
C TRP B 325 3.96 27.58 -40.03
N ARG B 326 3.32 28.64 -39.58
CA ARG B 326 2.82 28.71 -38.21
C ARG B 326 1.39 29.23 -38.17
N VAL B 327 0.64 28.82 -37.15
CA VAL B 327 -0.72 29.30 -36.96
C VAL B 327 -0.70 30.49 -35.99
N TYR B 328 -1.27 31.60 -36.42
CA TYR B 328 -1.31 32.82 -35.63
C TYR B 328 -2.73 33.33 -35.43
N THR B 329 -2.92 34.16 -34.41
CA THR B 329 -4.10 35.02 -34.34
C THR B 329 -3.68 36.49 -34.35
N TYR B 330 -4.49 37.30 -35.02
CA TYR B 330 -4.32 38.75 -34.99
C TYR B 330 -4.58 39.23 -33.56
N LYS B 331 -3.70 40.10 -33.06
CA LYS B 331 -3.81 40.60 -31.69
C LYS B 331 -5.11 41.38 -31.49
N TYR B 332 -5.56 42.05 -32.54
CA TYR B 332 -6.62 43.03 -32.38
C TYR B 332 -7.82 42.78 -33.28
N PHE B 333 -8.30 41.54 -33.37
CA PHE B 333 -9.48 41.31 -34.19
C PHE B 333 -10.71 41.89 -33.52
N LYS B 334 -11.67 42.33 -34.31
CA LYS B 334 -12.77 43.17 -33.83
C LYS B 334 -13.97 42.40 -33.29
N LYS B 335 -14.39 41.37 -34.01
CA LYS B 335 -15.62 40.66 -33.65
C LYS B 335 -15.36 39.49 -32.70
N GLU B 336 -16.36 38.65 -32.50
CA GLU B 336 -16.25 37.54 -31.57
C GLU B 336 -15.42 36.40 -32.15
N GLU B 337 -15.40 36.30 -33.47
CA GLU B 337 -14.62 35.28 -34.16
C GLU B 337 -13.80 35.94 -35.23
N GLU B 338 -12.66 35.33 -35.57
CA GLU B 338 -11.87 35.82 -36.68
C GLU B 338 -11.07 34.67 -37.28
N LYS B 339 -10.75 34.81 -38.55
CA LYS B 339 -9.92 33.83 -39.23
C LYS B 339 -8.53 33.80 -38.63
N LEU B 340 -7.97 32.60 -38.49
CA LEU B 340 -6.57 32.47 -38.09
C LEU B 340 -5.66 32.84 -39.26
N PHE B 341 -4.45 33.22 -38.93
CA PHE B 341 -3.44 33.67 -39.89
C PHE B 341 -2.43 32.54 -40.05
N LEU B 342 -2.33 31.99 -41.26
CA LEU B 342 -1.43 30.87 -41.52
C LEU B 342 -0.26 31.36 -42.38
N ALA B 343 0.94 31.40 -41.79
CA ALA B 343 2.02 32.20 -42.31
C ALA B 343 3.39 31.68 -41.87
N PRO B 344 4.46 32.14 -42.55
CA PRO B 344 5.83 31.80 -42.17
C PRO B 344 6.17 32.16 -40.73
N ILE B 345 7.21 31.54 -40.20
CA ILE B 345 7.64 31.80 -38.83
C ILE B 345 8.25 33.20 -38.70
N SER B 346 7.64 34.03 -37.85
CA SER B 346 8.12 35.39 -37.66
C SER B 346 7.75 35.94 -36.29
N ASP B 347 8.41 37.04 -35.91
CA ASP B 347 8.19 37.66 -34.61
C ASP B 347 7.32 38.91 -34.67
N SER B 348 6.45 38.98 -35.67
CA SER B 348 5.50 40.09 -35.83
C SER B 348 4.85 40.53 -34.52
N ASP B 349 4.67 41.85 -34.36
CA ASP B 349 4.08 42.39 -33.14
C ASP B 349 2.58 42.65 -33.28
N GLU B 350 2.01 42.22 -34.40
CA GLU B 350 0.57 42.35 -34.62
C GLU B 350 -0.16 41.01 -34.42
N PHE B 351 0.60 39.95 -34.15
CA PHE B 351 0.03 38.62 -34.01
C PHE B 351 0.54 37.87 -32.76
N TYR B 352 -0.34 37.08 -32.16
CA TYR B 352 0.05 36.12 -31.12
C TYR B 352 0.48 34.80 -31.73
N ASN B 353 1.60 34.25 -31.27
CA ASN B 353 2.06 32.98 -31.81
C ASN B 353 2.01 31.83 -30.81
N THR B 354 1.69 32.15 -29.56
CA THR B 354 1.76 31.18 -28.47
C THR B 354 0.38 30.59 -28.15
N ILE B 355 0.33 29.26 -28.12
CA ILE B 355 -0.91 28.53 -27.80
C ILE B 355 -0.70 27.72 -26.53
N GLN B 356 -1.67 27.75 -25.63
CA GLN B 356 -1.67 26.83 -24.49
C GLN B 356 -2.64 25.71 -24.80
N ILE B 357 -2.15 24.49 -24.72
CA ILE B 357 -2.99 23.35 -25.03
C ILE B 357 -3.72 22.92 -23.75
N LYS B 358 -5.01 22.65 -23.87
CA LYS B 358 -5.88 22.48 -22.71
C LYS B 358 -6.66 21.18 -22.75
N GLU B 359 -7.10 20.72 -21.58
CA GLU B 359 -8.15 19.70 -21.51
C GLU B 359 -9.26 20.14 -20.57
N TYR B 360 -10.36 20.62 -21.13
CA TYR B 360 -11.48 21.09 -20.33
C TYR B 360 -12.42 19.96 -19.93
N ASP B 361 -12.38 18.87 -20.68
CA ASP B 361 -13.26 17.74 -20.41
C ASP B 361 -12.75 17.02 -19.16
N GLU B 362 -13.65 16.76 -18.23
CA GLU B 362 -13.30 15.99 -17.02
C GLU B 362 -13.42 14.50 -17.26
N GLN B 363 -14.19 14.12 -18.28
CA GLN B 363 -14.40 12.72 -18.64
C GLN B 363 -13.33 12.28 -19.65
N PRO B 364 -13.08 10.96 -19.75
CA PRO B 364 -12.07 10.54 -20.71
C PRO B 364 -12.42 10.97 -22.15
N THR B 365 -11.45 11.48 -22.89
CA THR B 365 -11.69 11.91 -24.26
C THR B 365 -10.35 11.94 -24.98
N TYR B 366 -10.37 11.89 -26.30
CA TYR B 366 -9.14 12.09 -27.07
C TYR B 366 -9.11 13.48 -27.69
N SER B 367 -10.15 14.28 -27.43
CA SER B 367 -10.18 15.68 -27.84
C SER B 367 -9.33 16.55 -26.94
N CYS B 368 -8.72 17.58 -27.49
CA CYS B 368 -8.08 18.62 -26.69
C CYS B 368 -8.53 19.98 -27.23
N GLN B 369 -8.13 21.05 -26.56
CA GLN B 369 -8.53 22.37 -26.98
C GLN B 369 -7.30 23.26 -27.02
N LEU B 370 -7.38 24.34 -27.78
CA LEU B 370 -6.19 25.13 -28.09
C LEU B 370 -6.44 26.60 -27.77
N LEU B 371 -5.73 27.12 -26.77
CA LEU B 371 -6.00 28.45 -26.24
C LEU B 371 -4.93 29.47 -26.60
N PHE B 372 -5.33 30.56 -27.23
CA PHE B 372 -4.41 31.68 -27.45
C PHE B 372 -4.45 32.61 -26.24
N LYS B 373 -3.27 32.94 -25.71
CA LYS B 373 -3.23 33.98 -24.70
C LYS B 373 -2.26 35.08 -25.10
N LYS B 374 -2.50 36.30 -24.59
CA LYS B 374 -1.62 37.44 -24.87
C LYS B 374 -0.21 37.08 -24.44
N ASP B 375 -0.14 36.30 -23.37
CA ASP B 375 1.12 36.00 -22.74
C ASP B 375 0.95 34.83 -21.79
N GLU B 376 2.02 34.07 -21.59
CA GLU B 376 1.97 32.86 -20.79
C GLU B 376 1.72 33.14 -19.32
N GLU B 377 2.28 34.26 -18.85
CA GLU B 377 2.22 34.62 -17.45
C GLU B 377 1.05 35.56 -17.20
N SER B 378 0.20 35.70 -18.22
CA SER B 378 -1.04 36.46 -18.11
C SER B 378 -2.22 35.51 -18.00
N THR B 379 -3.25 35.90 -17.26
CA THR B 379 -4.46 35.09 -17.16
C THR B 379 -5.48 35.57 -18.19
N ASP B 380 -5.02 36.40 -19.12
CA ASP B 380 -5.89 36.96 -20.14
C ASP B 380 -6.11 35.97 -21.28
N GLU B 381 -7.38 35.68 -21.56
CA GLU B 381 -7.72 34.71 -22.60
C GLU B 381 -8.18 35.45 -23.86
N ILE B 382 -7.53 35.14 -24.97
CA ILE B 382 -7.92 35.74 -26.25
C ILE B 382 -9.08 34.98 -26.87
N GLY B 383 -8.98 33.65 -26.85
CA GLY B 383 -9.99 32.78 -27.41
C GLY B 383 -9.48 31.38 -27.68
N LEU B 384 -10.39 30.51 -28.10
CA LEU B 384 -10.03 29.14 -28.45
C LEU B 384 -10.12 28.94 -29.96
N ILE B 385 -9.24 28.08 -30.47
CA ILE B 385 -9.20 27.73 -31.88
C ILE B 385 -10.39 26.84 -32.23
N GLY B 386 -11.02 27.13 -33.35
CA GLY B 386 -12.16 26.37 -33.79
C GLY B 386 -12.40 26.54 -35.27
N ILE B 387 -13.65 26.37 -35.64
CA ILE B 387 -14.13 26.54 -37.00
C ILE B 387 -15.34 27.48 -36.95
N HIS B 388 -15.43 28.41 -37.90
CA HIS B 388 -16.59 29.31 -37.92
C HIS B 388 -17.11 29.54 -39.34
N ARG B 389 -18.43 29.75 -39.42
CA ARG B 389 -19.15 30.02 -40.66
C ARG B 389 -19.07 31.50 -41.03
N PHE B 390 -18.35 31.82 -42.10
CA PHE B 390 -18.19 33.20 -42.56
C PHE B 390 -19.03 33.59 -43.78
N TYR B 391 -19.30 34.89 -43.88
CA TYR B 391 -20.07 35.51 -44.95
C TYR B 391 -19.18 36.01 -46.07
N GLU B 392 -19.48 35.58 -47.29
CA GLU B 392 -18.72 36.02 -48.46
C GLU B 392 -19.65 36.39 -49.61
N TYR B 400 -21.46 31.46 -48.00
CA TYR B 400 -20.96 30.94 -46.74
C TYR B 400 -19.74 30.04 -46.95
N LYS B 401 -18.71 30.26 -46.14
CA LYS B 401 -17.49 29.49 -46.24
C LYS B 401 -16.87 29.32 -44.85
N ASP B 402 -16.61 28.08 -44.43
CA ASP B 402 -16.05 27.80 -43.11
C ASP B 402 -14.55 28.06 -43.09
N TYR B 403 -14.07 28.62 -41.99
CA TYR B 403 -12.65 28.94 -41.84
C TYR B 403 -12.06 28.46 -40.50
N PHE B 404 -10.77 28.16 -40.54
CA PHE B 404 -9.94 27.90 -39.36
C PHE B 404 -9.90 29.19 -38.54
N CYS B 405 -10.47 29.19 -37.35
CA CYS B 405 -10.71 30.44 -36.64
C CYS B 405 -10.27 30.46 -35.17
N ILE B 406 -10.27 31.67 -34.61
CA ILE B 406 -10.23 31.86 -33.16
C ILE B 406 -11.58 32.39 -32.74
N SER B 407 -12.08 32.01 -31.56
CA SER B 407 -13.36 32.50 -31.08
C SER B 407 -13.34 32.74 -29.57
N LYS B 408 -13.94 33.86 -29.17
CA LYS B 408 -14.12 34.19 -27.76
C LYS B 408 -15.33 33.44 -27.19
N TRP B 409 -16.25 33.05 -28.07
CA TRP B 409 -17.49 32.40 -27.66
C TRP B 409 -17.23 31.10 -26.90
N TYR B 410 -16.23 30.35 -27.37
CA TYR B 410 -15.83 29.08 -26.77
C TYR B 410 -15.43 29.20 -25.30
N LEU B 411 -14.89 30.36 -24.90
CA LEU B 411 -14.34 30.53 -23.55
C LEU B 411 -15.34 30.25 -22.43
N LYS B 412 -16.62 30.57 -22.63
CA LYS B 412 -17.63 30.20 -21.64
C LYS B 412 -18.29 28.87 -21.97
N GLU B 413 -18.34 28.50 -23.24
CA GLU B 413 -18.90 27.23 -23.64
C GLU B 413 -18.19 26.04 -22.97
N VAL B 414 -16.88 26.14 -22.84
CA VAL B 414 -16.06 25.05 -22.33
C VAL B 414 -16.14 24.87 -20.80
N LYS B 415 -16.88 25.76 -20.12
CA LYS B 415 -17.00 25.67 -18.67
C LYS B 415 -18.31 25.00 -18.23
N ARG B 416 -19.14 24.64 -19.19
CA ARG B 416 -20.42 24.01 -18.89
C ARG B 416 -20.26 22.51 -18.64
N LYS B 417 -20.96 22.04 -17.60
CA LYS B 417 -20.95 20.62 -17.24
C LYS B 417 -22.33 20.03 -17.54
N PRO B 418 -22.37 18.82 -18.12
CA PRO B 418 -21.20 18.06 -18.57
C PRO B 418 -20.58 18.68 -19.81
N TYR B 419 -19.33 18.34 -20.09
CA TYR B 419 -18.59 18.98 -21.16
C TYR B 419 -19.25 18.68 -22.50
N ASN B 420 -19.28 19.68 -23.37
CA ASN B 420 -19.90 19.56 -24.67
C ASN B 420 -18.93 18.96 -25.69
N LEU B 421 -19.06 17.66 -25.93
CA LEU B 421 -18.16 16.91 -26.81
C LEU B 421 -18.14 17.41 -28.25
N LYS B 422 -19.18 18.14 -28.64
CA LYS B 422 -19.38 18.51 -30.03
C LYS B 422 -19.09 19.98 -30.31
N LEU B 423 -18.52 20.69 -29.35
CA LEU B 423 -18.03 22.04 -29.59
C LEU B 423 -16.97 22.03 -30.68
N GLY B 424 -16.97 23.05 -31.52
CA GLY B 424 -15.99 23.17 -32.59
C GLY B 424 -14.59 23.53 -32.14
N CYS B 425 -14.41 23.68 -30.84
CA CYS B 425 -13.07 23.95 -30.28
C CYS B 425 -12.40 22.64 -29.82
N ASN B 426 -13.07 21.53 -30.07
CA ASN B 426 -12.53 20.21 -29.75
C ASN B 426 -11.78 19.59 -30.92
N TRP B 427 -10.46 19.50 -30.79
CA TRP B 427 -9.63 18.98 -31.88
C TRP B 427 -9.03 17.63 -31.49
N GLN B 428 -8.80 16.79 -32.50
CA GLN B 428 -7.99 15.60 -32.30
C GLN B 428 -6.96 15.52 -33.40
N PHE B 429 -5.79 14.98 -33.04
CA PHE B 429 -4.66 14.93 -33.96
C PHE B 429 -4.45 13.51 -34.48
N ILE B 430 -4.41 13.36 -35.81
CA ILE B 430 -4.30 12.04 -36.40
C ILE B 430 -2.97 11.82 -37.11
N PRO B 431 -2.10 10.98 -36.52
CA PRO B 431 -0.87 10.61 -37.22
C PRO B 431 -1.13 9.43 -38.15
N LYS B 432 -0.28 9.25 -39.16
CA LYS B 432 -0.30 8.03 -39.94
C LYS B 432 -0.10 6.85 -38.99
N ASP B 433 -0.83 5.77 -39.19
CA ASP B 433 -0.73 4.62 -38.31
C ASP B 433 -0.92 3.36 -39.13
N GLU B 434 -0.10 2.35 -38.90
CA GLU B 434 -0.16 1.15 -39.73
C GLU B 434 -1.48 0.40 -39.57
N GLY B 435 -2.23 0.73 -38.50
CA GLY B 435 -3.53 0.12 -38.30
C GLY B 435 -4.65 0.85 -39.03
N TRP B 436 -4.31 1.91 -39.77
CA TRP B 436 -5.33 2.58 -40.59
C TRP B 436 -4.82 2.84 -42.00
N THR B 437 -5.36 2.11 -42.97
CA THR B 437 -5.01 2.35 -44.37
C THR B 437 -6.22 2.80 -45.17
N GLU B 438 -5.95 3.64 -46.14
CA GLU B 438 -7.00 4.18 -46.99
C GLU B 438 -6.40 4.50 -48.36
N ASP C 2 15.65 19.44 56.31
CA ASP C 2 16.07 19.15 57.68
C ASP C 2 16.19 17.65 57.87
N MET C 3 15.13 16.93 57.50
CA MET C 3 15.19 15.48 57.46
C MET C 3 16.02 15.04 56.27
N PHE C 4 15.81 15.71 55.14
CA PHE C 4 16.57 15.47 53.93
C PHE C 4 18.07 15.67 54.20
N CYS C 5 18.40 16.75 54.88
CA CYS C 5 19.78 17.07 55.21
C CYS C 5 20.40 15.95 56.04
N ALA C 6 19.64 15.45 57.01
CA ALA C 6 20.10 14.37 57.87
C ALA C 6 20.42 13.13 57.04
N LEU C 7 19.58 12.86 56.05
CA LEU C 7 19.80 11.68 55.20
C LEU C 7 21.01 11.86 54.32
N LYS C 8 21.18 13.09 53.82
CA LYS C 8 22.32 13.44 52.99
C LYS C 8 23.62 13.15 53.75
N ILE C 9 23.63 13.44 55.04
CA ILE C 9 24.78 13.14 55.90
C ILE C 9 25.03 11.64 55.97
N LYS C 10 23.97 10.86 56.18
CA LYS C 10 24.17 9.42 56.31
C LYS C 10 24.56 8.80 54.97
N PHE C 11 24.06 9.40 53.89
CA PHE C 11 24.49 8.96 52.57
C PHE C 11 25.99 9.14 52.44
N PHE C 12 26.46 10.33 52.77
CA PHE C 12 27.89 10.58 52.67
C PHE C 12 28.65 9.61 53.56
N LEU C 13 28.16 9.32 54.76
CA LEU C 13 28.80 8.29 55.58
C LEU C 13 28.75 6.91 54.92
N GLU C 14 27.63 6.62 54.28
CA GLU C 14 27.43 5.33 53.62
C GLU C 14 28.44 5.09 52.46
N ILE C 15 28.87 6.15 51.80
CA ILE C 15 29.79 6.01 50.67
C ILE C 15 31.28 6.29 51.02
N GLY C 16 31.61 6.43 52.30
CA GLY C 16 32.96 6.85 52.67
C GLY C 16 32.96 8.37 52.59
N ASP C 17 34.06 9.03 52.32
CA ASP C 17 34.01 10.51 52.24
C ASP C 17 33.42 11.08 53.54
N GLU C 18 34.19 10.93 54.61
CA GLU C 18 33.83 11.46 55.92
C GLU C 18 33.73 12.98 55.82
N ASP C 19 34.46 13.54 54.85
CA ASP C 19 34.57 14.97 54.67
C ASP C 19 33.24 15.62 54.30
N ALA C 20 32.61 15.12 53.24
CA ALA C 20 31.31 15.62 52.81
C ALA C 20 30.27 15.49 53.92
N ALA C 21 30.34 14.38 54.66
CA ALA C 21 29.48 14.17 55.81
C ALA C 21 29.62 15.34 56.79
N ARG C 22 30.87 15.66 57.15
CA ARG C 22 31.16 16.77 58.06
C ARG C 22 30.66 18.09 57.51
N LYS C 23 30.93 18.36 56.24
CA LYS C 23 30.53 19.61 55.61
C LYS C 23 29.02 19.77 55.66
N ALA C 24 28.31 18.70 55.30
CA ALA C 24 26.85 18.75 55.24
C ALA C 24 26.29 19.00 56.64
N ALA C 25 26.86 18.31 57.63
CA ALA C 25 26.45 18.49 59.02
C ALA C 25 26.63 19.95 59.49
N LYS C 26 27.74 20.56 59.12
CA LYS C 26 27.99 21.96 59.47
C LYS C 26 26.92 22.88 58.86
N LYS C 27 26.63 22.69 57.58
CA LYS C 27 25.59 23.44 56.88
C LYS C 27 24.18 23.14 57.41
N CYS C 28 23.93 21.86 57.71
CA CYS C 28 22.60 21.38 58.12
C CYS C 28 22.05 22.08 59.37
N GLY C 29 23.00 22.52 60.17
CA GLY C 29 22.79 23.04 61.50
C GLY C 29 23.39 22.32 62.71
N TYR C 30 24.22 21.31 62.51
CA TYR C 30 24.74 20.57 63.66
C TYR C 30 25.99 21.16 64.33
N SER C 31 26.31 20.66 65.51
CA SER C 31 27.45 21.16 66.28
C SER C 31 28.76 20.55 65.81
N GLU C 32 29.78 21.39 65.66
CA GLU C 32 31.10 20.93 65.25
C GLU C 32 31.50 19.68 66.03
N GLU C 33 31.28 19.73 67.35
CA GLU C 33 31.63 18.60 68.21
C GLU C 33 30.61 17.47 68.08
N GLN C 34 29.33 17.84 68.06
CA GLN C 34 28.26 16.85 67.94
C GLN C 34 28.31 16.14 66.60
N ALA C 35 29.09 16.69 65.68
CA ALA C 35 29.28 16.08 64.36
C ALA C 35 30.33 14.99 64.46
N GLU C 36 31.26 15.16 65.41
CA GLU C 36 32.29 14.16 65.66
C GLU C 36 31.65 12.87 66.16
N ARG C 37 30.57 12.98 66.91
CA ARG C 37 29.89 11.78 67.43
C ARG C 37 29.14 11.00 66.35
N ILE C 38 28.32 11.71 65.56
CA ILE C 38 27.64 11.10 64.41
C ILE C 38 28.58 10.20 63.63
N ILE C 39 29.67 10.77 63.14
CA ILE C 39 30.68 9.98 62.47
C ILE C 39 31.15 8.83 63.35
N ASP D 2 9.44 40.33 -45.33
CA ASP D 2 9.16 40.90 -46.65
C ASP D 2 8.05 40.10 -47.33
N MET D 3 8.24 38.78 -47.35
CA MET D 3 7.18 37.88 -47.80
C MET D 3 6.11 37.81 -46.74
N PHE D 4 6.55 37.71 -45.49
CA PHE D 4 5.67 37.68 -44.34
C PHE D 4 4.79 38.94 -44.31
N CYS D 5 5.42 40.10 -44.54
CA CYS D 5 4.72 41.37 -44.55
C CYS D 5 3.64 41.36 -45.62
N ALA D 6 3.97 40.84 -46.79
CA ALA D 6 3.02 40.77 -47.91
C ALA D 6 1.81 39.93 -47.52
N LEU D 7 2.06 38.84 -46.79
CA LEU D 7 0.97 37.96 -46.37
C LEU D 7 0.10 38.64 -45.32
N LYS D 8 0.76 39.36 -44.43
CA LYS D 8 0.07 40.11 -43.39
C LYS D 8 -0.93 41.09 -44.01
N ILE D 9 -0.52 41.71 -45.12
CA ILE D 9 -1.41 42.61 -45.86
C ILE D 9 -2.61 41.86 -46.41
N LYS D 10 -2.39 40.69 -47.01
CA LYS D 10 -3.51 39.96 -47.59
C LYS D 10 -4.41 39.40 -46.50
N PHE D 11 -3.82 39.07 -45.36
CA PHE D 11 -4.63 38.65 -44.22
C PHE D 11 -5.58 39.78 -43.84
N PHE D 12 -5.02 40.98 -43.69
CA PHE D 12 -5.87 42.09 -43.30
C PHE D 12 -6.94 42.31 -44.36
N LEU D 13 -6.61 42.18 -45.65
CA LEU D 13 -7.66 42.25 -46.68
C LEU D 13 -8.69 41.13 -46.53
N GLU D 14 -8.20 39.94 -46.19
CA GLU D 14 -9.06 38.76 -46.04
C GLU D 14 -10.11 38.93 -44.91
N ILE D 15 -9.77 39.69 -43.88
CA ILE D 15 -10.68 39.88 -42.74
C ILE D 15 -11.48 41.21 -42.78
N GLY D 16 -11.42 41.95 -43.88
CA GLY D 16 -12.02 43.29 -43.90
C GLY D 16 -10.98 44.22 -43.32
N ASP D 17 -11.33 45.32 -42.69
CA ASP D 17 -10.29 46.19 -42.12
C ASP D 17 -9.27 46.57 -43.21
N GLU D 18 -9.75 47.37 -44.16
CA GLU D 18 -8.93 47.89 -45.24
C GLU D 18 -7.81 48.75 -44.64
N ASP D 19 -8.09 49.29 -43.47
CA ASP D 19 -7.18 50.21 -42.79
C ASP D 19 -5.86 49.58 -42.41
N ALA D 20 -5.93 48.46 -41.68
CA ALA D 20 -4.74 47.73 -41.27
C ALA D 20 -3.94 47.28 -42.49
N ALA D 21 -4.64 46.88 -43.54
CA ALA D 21 -4.00 46.53 -44.80
C ALA D 21 -3.14 47.69 -45.31
N ARG D 22 -3.74 48.87 -45.36
CA ARG D 22 -3.03 50.08 -45.79
C ARG D 22 -1.84 50.39 -44.90
N LYS D 23 -2.05 50.32 -43.59
CA LYS D 23 -0.99 50.63 -42.64
C LYS D 23 0.19 49.70 -42.82
N ALA D 24 -0.10 48.40 -42.95
CA ALA D 24 0.93 47.39 -43.07
C ALA D 24 1.71 47.62 -44.36
N ALA D 25 1.00 47.90 -45.44
CA ALA D 25 1.61 48.20 -46.73
C ALA D 25 2.57 49.39 -46.64
N LYS D 26 2.17 50.45 -45.95
CA LYS D 26 3.03 51.62 -45.77
C LYS D 26 4.32 51.25 -45.03
N LYS D 27 4.19 50.49 -43.94
CA LYS D 27 5.34 50.01 -43.18
C LYS D 27 6.20 49.01 -43.95
N CYS D 28 5.53 48.13 -44.71
CA CYS D 28 6.20 47.03 -45.43
C CYS D 28 7.25 47.49 -46.43
N GLY D 29 7.02 48.72 -46.89
CA GLY D 29 7.72 49.33 -48.00
C GLY D 29 6.99 49.70 -49.28
N TYR D 30 5.68 49.59 -49.32
CA TYR D 30 4.98 49.85 -50.58
C TYR D 30 4.62 51.33 -50.84
N SER D 31 4.22 51.62 -52.07
CA SER D 31 3.89 52.99 -52.46
C SER D 31 2.47 53.36 -52.05
N GLU D 32 2.32 54.56 -51.49
CA GLU D 32 1.01 55.05 -51.08
C GLU D 32 -0.02 54.81 -52.19
N GLU D 33 0.36 55.11 -53.43
CA GLU D 33 -0.53 54.94 -54.57
C GLU D 33 -0.62 53.46 -54.96
N GLN D 34 0.53 52.79 -54.99
CA GLN D 34 0.57 51.38 -55.35
C GLN D 34 -0.16 50.52 -54.34
N ALA D 35 -0.46 51.10 -53.18
CA ALA D 35 -1.22 50.42 -52.15
C ALA D 35 -2.71 50.50 -52.48
N GLU D 36 -3.09 51.56 -53.17
CA GLU D 36 -4.47 51.73 -53.60
C GLU D 36 -4.84 50.64 -54.60
N ILE D 38 -3.31 47.58 -54.78
CA ILE D 38 -3.40 46.23 -54.19
C ILE D 38 -4.78 45.96 -53.57
N ILE D 39 -5.36 47.00 -52.97
CA ILE D 39 -6.71 46.92 -52.41
C ILE D 39 -7.75 46.89 -53.51
#